data_8W89
#
_entry.id   8W89
#
loop_
_entity.id
_entity.type
_entity.pdbx_description
1 polymer 'Guanine nucleotide-binding protein G(s) subunit alpha isoforms short'
2 polymer 'Guanine nucleotide-binding protein G(I)/G(S)/G(T) subunit beta-1'
3 polymer 'Guanine nucleotide-binding protein G(I)/G(S)/G(O) subunit gamma-2'
4 polymer Nanobody35
5 polymer 'Trace amine-associated receptor 1'
6 non-polymer 2-PHENYLETHYLAMINE
7 water water
#
loop_
_entity_poly.entity_id
_entity_poly.type
_entity_poly.pdbx_seq_one_letter_code
_entity_poly.pdbx_strand_id
1 'polypeptide(L)'
;GGSGGSMGSTVSAEDKAAAERSKMIDKNLREDGEKAAAATHRLLLLGADNSGKSTIVKQMRIYHVNSGIFETKFQVDKVN
FHMFDVGAQRDERRKWIQCFNDVTAIIFVVDSSDYNRLQEALNDFKSIWNNRWLRTISVILFLNKQDLLAEKVLAGKSKI
EDYFPEFARYTTPEDATPEPGEDPRVTRAKYFIRDEFLRISTASGDGRHYCYPHFTCSVDTENARRIFNDCRDIIQRMHL
RQYELL
;
A
2 'polypeptide(L)'
;MGSLLQSELDQLRQEAEQLKNQIRDARKACADATLSQITNNIDPVGRIQMRTRRTLRGHLAKIYAMHWGTDSRLLVSASQ
DGKLIIWDSYTTNKVHAIPLRSSWVMTCAYAPSGNYVACGGLDNICSIYNLKTREGNVRVSRELAGHTGYLSCCRFLDDN
QIVTSSGDTTCALWDIETGQQTTTFTGHTGDVMSLSLAPDTRLFVSGACDASAKLWDVREGMCRQTFTGHESDINAICFF
PNGNAFATGSDDATCRLFDLRADQELMTYSHDNIICGITSVSFSKSGRLLLAGYDDFNCNVWDALKADRAGVLAGHDNRV
SCLGVTDDGMAVATGSWDSFLKIWN
;
B
3 'polypeptide(L)' MASNNTASIAQARKLVEQLKMEANIDRIKVSKAAADLMAYCEAHAKEDPLLTPVPASENPFREKKFFCAIL G
4 'polypeptide(L)'
;MQVQLQESGGGLVQPGGSLRLSCAASGFTFSNYKMNWVRQAPGKGLEWVSDISQSGASISYTGSVKGRFTISRDNAKNTL
YLQMNSLKPEDTAVYYCARCPAPFTRDCFDVTSTTYAYRGQGTQVTVSSHHHHHHEPEA
;
N
5 'polypeptide(L)'
;MMPFCHNIINISCVKNNWSNDVRASLYSLMVLIILTTLVGNLIVIVSISHFKQLHTPTNWLIHSMATVDFLLGCLVMPYS
MVRSAEHCWYFGEVFCKIHTSTDIMLSSASIFHLSFISIDRYYAVCDPLRYKAKMNILVICVMIFISWSVPAVFAFGMIF
LELNFKGAEEIYYKHVHCRGGCSVFFSKISGVLTFMTSFYIPGSIMLCVYYRIYLIAKEQARLISDANQKLQIGLEMKNG
ISQSKERKAVKTLGIVMGVFLICWCPFFICTVMDPFLHYIIPPTLNDVLIWFGYLNSTFNPMVYAFFYPWFRKALKMMLF
GKIFQKDSSRCKLFLELSS
;
R
#
# COMPACT_ATOMS: atom_id res chain seq x y z
N VAL A 11 10.47 25.62 27.56
CA VAL A 11 10.61 26.44 28.76
C VAL A 11 10.94 27.88 28.38
N SER A 12 11.88 28.04 27.45
CA SER A 12 12.25 29.36 26.99
C SER A 12 11.17 29.95 26.08
N ALA A 13 11.29 31.25 25.83
CA ALA A 13 10.30 31.93 24.99
C ALA A 13 10.32 31.38 23.56
N GLU A 14 11.51 31.16 23.01
CA GLU A 14 11.61 30.63 21.66
C GLU A 14 11.03 29.22 21.58
N ASP A 15 11.32 28.39 22.59
CA ASP A 15 10.78 27.03 22.61
C ASP A 15 9.26 27.06 22.71
N LYS A 16 8.71 27.93 23.55
CA LYS A 16 7.26 28.04 23.67
C LYS A 16 6.62 28.52 22.38
N ALA A 17 7.25 29.48 21.71
CA ALA A 17 6.75 29.95 20.43
C ALA A 17 6.77 28.84 19.39
N ALA A 18 7.85 28.06 19.35
CA ALA A 18 7.91 26.93 18.44
C ALA A 18 6.83 25.91 18.74
N ALA A 19 6.61 25.62 20.02
CA ALA A 19 5.59 24.64 20.40
C ALA A 19 4.19 25.10 20.02
N GLU A 20 3.87 26.38 20.26
CA GLU A 20 2.55 26.86 19.89
C GLU A 20 2.38 26.94 18.38
N ARG A 21 3.44 27.28 17.64
CA ARG A 21 3.37 27.24 16.18
C ARG A 21 3.12 25.82 15.69
N SER A 22 3.80 24.84 16.28
CA SER A 22 3.58 23.44 15.90
C SER A 22 2.16 23.01 16.22
N LYS A 23 1.62 23.42 17.37
CA LYS A 23 0.26 23.05 17.73
C LYS A 23 -0.75 23.67 16.76
N MET A 24 -0.56 24.94 16.39
CA MET A 24 -1.45 25.57 15.42
C MET A 24 -1.35 24.87 14.07
N ILE A 25 -0.13 24.52 13.65
CA ILE A 25 0.07 23.81 12.39
C ILE A 25 -0.67 22.48 12.42
N ASP A 26 -0.54 21.74 13.51
CA ASP A 26 -1.20 20.44 13.62
C ASP A 26 -2.72 20.59 13.63
N LYS A 27 -3.23 21.62 14.30
CA LYS A 27 -4.67 21.84 14.31
C LYS A 27 -5.19 22.16 12.91
N ASN A 28 -4.48 23.03 12.19
CA ASN A 28 -4.89 23.34 10.81
C ASN A 28 -4.82 22.11 9.93
N LEU A 29 -3.77 21.29 10.11
CA LEU A 29 -3.64 20.07 9.33
C LEU A 29 -4.78 19.10 9.61
N ARG A 30 -5.15 18.96 10.88
CA ARG A 30 -6.26 18.07 11.23
C ARG A 30 -7.58 18.58 10.66
N GLU A 31 -7.79 19.90 10.71
CA GLU A 31 -9.00 20.46 10.12
C GLU A 31 -9.05 20.20 8.62
N ASP A 32 -7.93 20.41 7.92
CA ASP A 32 -7.90 20.17 6.48
C ASP A 32 -8.06 18.68 6.16
N GLY A 33 -7.54 17.81 7.02
CA GLY A 33 -7.73 16.38 6.81
C GLY A 33 -9.18 15.95 7.00
N GLU A 34 -9.85 16.51 8.02
CA GLU A 34 -11.26 16.21 8.22
C GLU A 34 -12.10 16.74 7.07
N LYS A 35 -11.80 17.95 6.60
CA LYS A 35 -12.56 18.55 5.51
C LYS A 35 -12.15 17.97 4.17
N ALA A 36 -13.13 17.73 3.30
CA ALA A 36 -12.97 17.30 1.91
C ALA A 36 -12.34 15.92 1.76
N ALA A 37 -12.04 15.23 2.85
CA ALA A 37 -11.51 13.86 2.79
C ALA A 37 -12.46 12.85 3.42
N ALA A 38 -13.62 13.28 3.89
CA ALA A 38 -14.64 12.39 4.42
C ALA A 38 -15.73 12.19 3.39
N ALA A 39 -16.12 10.93 3.18
CA ALA A 39 -17.08 10.55 2.13
C ALA A 39 -16.60 10.98 0.76
N THR A 40 -15.28 10.91 0.54
CA THR A 40 -14.68 11.17 -0.77
C THR A 40 -13.82 9.97 -1.15
N HIS A 41 -14.02 9.46 -2.36
CA HIS A 41 -13.34 8.27 -2.84
C HIS A 41 -12.61 8.55 -4.14
N ARG A 42 -11.41 8.04 -4.24
CA ARG A 42 -10.62 8.25 -5.42
C ARG A 42 -10.74 7.08 -6.35
N LEU A 43 -10.87 7.35 -7.63
CA LEU A 43 -10.99 6.33 -8.67
C LEU A 43 -9.96 6.58 -9.75
N LEU A 44 -9.22 5.55 -10.13
CA LEU A 44 -8.24 5.64 -11.21
C LEU A 44 -8.89 5.14 -12.49
N LEU A 45 -8.93 6.00 -13.51
CA LEU A 45 -9.59 5.70 -14.76
C LEU A 45 -8.55 5.29 -15.79
N LEU A 46 -8.73 4.10 -16.37
CA LEU A 46 -7.78 3.53 -17.31
C LEU A 46 -8.50 3.14 -18.59
N GLY A 47 -7.75 3.10 -19.69
CA GLY A 47 -8.32 2.74 -20.97
C GLY A 47 -7.31 2.98 -22.08
N ALA A 48 -7.82 2.98 -23.30
CA ALA A 48 -7.02 3.18 -24.49
C ALA A 48 -7.60 4.35 -25.30
N ASP A 49 -6.96 4.63 -26.44
CA ASP A 49 -7.39 5.74 -27.28
C ASP A 49 -8.78 5.50 -27.84
N ASN A 50 -9.05 4.28 -28.32
CA ASN A 50 -10.36 3.98 -28.90
C ASN A 50 -11.44 3.92 -27.84
N SER A 51 -11.12 3.45 -26.65
CA SER A 51 -12.10 3.36 -25.57
C SER A 51 -12.57 4.76 -25.16
N GLY A 52 -13.87 4.90 -24.95
CA GLY A 52 -14.42 6.18 -24.56
C GLY A 52 -14.31 6.44 -23.07
N LYS A 53 -13.08 6.44 -22.57
CA LYS A 53 -12.86 6.64 -21.14
C LYS A 53 -13.30 8.04 -20.69
N SER A 54 -13.19 9.03 -21.58
CA SER A 54 -13.55 10.39 -21.23
C SER A 54 -15.06 10.65 -21.27
N THR A 55 -15.85 9.71 -21.80
CA THR A 55 -17.28 9.88 -21.93
C THR A 55 -18.07 8.95 -21.01
N ILE A 56 -17.42 8.36 -20.00
CA ILE A 56 -18.11 7.45 -19.11
C ILE A 56 -19.18 8.21 -18.30
N VAL A 57 -18.80 9.32 -17.69
CA VAL A 57 -19.71 10.15 -16.92
C VAL A 57 -20.05 11.36 -17.77
N LYS A 58 -21.30 11.45 -18.21
CA LYS A 58 -21.68 12.52 -19.12
C LYS A 58 -22.08 13.82 -18.46
N GLN A 59 -23.09 13.78 -17.62
CA GLN A 59 -23.60 15.03 -17.04
C GLN A 59 -22.56 15.72 -16.17
N MET A 60 -21.87 14.95 -15.34
CA MET A 60 -20.92 15.56 -14.41
C MET A 60 -19.47 15.33 -14.80
N ARG A 61 -19.19 15.27 -16.10
CA ARG A 61 -17.80 15.16 -16.50
C ARG A 61 -17.13 16.45 -16.10
N ILE A 62 -16.00 16.37 -15.41
CA ILE A 62 -15.26 17.57 -15.03
C ILE A 62 -13.89 17.49 -15.68
N TYR A 63 -13.56 18.47 -16.50
CA TYR A 63 -12.22 18.51 -17.07
C TYR A 63 -11.44 19.50 -16.23
N HIS A 64 -10.35 19.04 -15.61
CA HIS A 64 -9.53 19.93 -14.82
C HIS A 64 -8.12 19.69 -15.28
N VAL A 65 -7.83 20.06 -16.52
CA VAL A 65 -6.50 19.78 -17.05
C VAL A 65 -5.57 20.98 -16.99
N ASN A 66 -4.40 20.78 -16.41
CA ASN A 66 -3.41 21.85 -16.37
C ASN A 66 -2.07 21.31 -16.82
N SER A 67 -1.61 20.22 -16.19
CA SER A 67 -0.31 19.66 -16.52
C SER A 67 -0.32 18.13 -16.48
N GLY A 68 -1.13 17.53 -17.34
CA GLY A 68 -1.05 16.12 -17.65
C GLY A 68 -2.09 15.25 -16.99
N ILE A 69 -2.73 15.70 -15.91
CA ILE A 69 -3.76 14.93 -15.24
C ILE A 69 -5.00 15.80 -15.14
N PHE A 70 -6.10 15.30 -15.70
CA PHE A 70 -7.38 15.99 -15.54
C PHE A 70 -8.16 15.14 -14.56
N GLU A 71 -8.83 15.78 -13.61
CA GLU A 71 -9.57 15.09 -12.57
C GLU A 71 -11.05 15.36 -12.74
N THR A 72 -11.85 14.28 -12.64
CA THR A 72 -13.31 14.39 -12.77
C THR A 72 -13.95 14.14 -11.41
N LYS A 73 -14.76 15.08 -10.93
CA LYS A 73 -15.40 14.96 -9.63
C LYS A 73 -16.91 14.88 -9.80
N PHE A 74 -17.54 13.92 -9.14
CA PHE A 74 -18.99 13.75 -9.21
C PHE A 74 -19.48 13.17 -7.89
N GLN A 75 -20.76 13.37 -7.63
CA GLN A 75 -21.41 12.82 -6.45
C GLN A 75 -22.77 12.25 -6.84
N VAL A 76 -23.14 11.14 -6.22
CA VAL A 76 -24.40 10.47 -6.50
C VAL A 76 -25.42 10.70 -5.40
N ASP A 77 -25.15 10.20 -4.19
CA ASP A 77 -26.01 10.39 -3.03
C ASP A 77 -25.14 10.90 -1.88
N LYS A 78 -24.89 12.20 -1.86
CA LYS A 78 -24.13 12.89 -0.83
C LYS A 78 -22.71 12.33 -0.65
N VAL A 79 -22.26 11.47 -1.57
CA VAL A 79 -20.92 10.89 -1.50
C VAL A 79 -20.16 11.33 -2.74
N ASN A 80 -18.97 11.90 -2.54
CA ASN A 80 -18.18 12.45 -3.62
C ASN A 80 -17.16 11.42 -4.11
N PHE A 81 -16.97 11.37 -5.43
CA PHE A 81 -15.97 10.53 -6.07
C PHE A 81 -15.04 11.40 -6.91
N HIS A 82 -13.74 11.22 -6.74
CA HIS A 82 -12.74 11.92 -7.53
C HIS A 82 -12.09 10.93 -8.48
N MET A 83 -12.22 11.17 -9.77
CA MET A 83 -11.73 10.26 -10.80
C MET A 83 -10.56 10.91 -11.53
N PHE A 84 -9.41 10.24 -11.50
CA PHE A 84 -8.20 10.76 -12.10
C PHE A 84 -7.76 10.01 -13.34
N ASP A 85 -7.51 10.70 -14.44
CA ASP A 85 -7.12 10.09 -15.70
C ASP A 85 -5.78 10.66 -16.12
N VAL A 86 -4.73 9.87 -15.96
CA VAL A 86 -3.37 10.30 -16.31
C VAL A 86 -3.17 10.05 -17.79
N GLY A 87 -3.11 11.13 -18.57
CA GLY A 87 -3.03 11.01 -20.01
C GLY A 87 -1.98 11.85 -20.69
N ALA A 88 -0.83 12.06 -20.03
CA ALA A 88 0.25 12.78 -20.66
C ALA A 88 1.62 12.18 -20.36
N GLN A 89 1.67 10.94 -19.88
CA GLN A 89 2.94 10.27 -19.65
C GLN A 89 3.31 9.46 -20.90
N ARG A 90 4.42 8.72 -20.80
CA ARG A 90 4.86 7.93 -21.93
C ARG A 90 4.10 6.62 -21.99
N ASP A 91 4.46 5.75 -22.91
CA ASP A 91 3.80 4.46 -23.03
C ASP A 91 4.05 3.59 -21.81
N GLU A 92 5.25 3.68 -21.24
CA GLU A 92 5.60 2.90 -20.09
C GLU A 92 4.87 3.36 -18.86
N ARG A 93 4.31 2.42 -18.10
CA ARG A 93 3.48 2.81 -16.95
C ARG A 93 3.70 1.95 -15.72
N ARG A 94 4.73 1.11 -15.68
CA ARG A 94 4.92 0.23 -14.53
C ARG A 94 5.38 0.98 -13.29
N LYS A 95 5.73 2.26 -13.41
CA LYS A 95 6.25 3.03 -12.28
C LYS A 95 5.24 4.04 -11.74
N TRP A 96 4.55 4.74 -12.62
CA TRP A 96 3.58 5.70 -12.18
C TRP A 96 2.27 5.13 -11.67
N ILE A 97 2.07 3.84 -11.80
CA ILE A 97 0.80 3.26 -11.39
C ILE A 97 0.88 2.81 -9.94
N GLN A 98 2.06 2.82 -9.36
CA GLN A 98 2.23 2.39 -7.99
C GLN A 98 1.78 3.52 -7.09
N CYS A 99 1.70 4.72 -7.62
CA CYS A 99 1.17 5.83 -6.85
C CYS A 99 -0.29 5.62 -6.55
N PHE A 100 -1.05 5.06 -7.49
CA PHE A 100 -2.47 4.83 -7.29
C PHE A 100 -2.83 3.57 -6.53
N ASN A 101 -2.16 3.26 -5.43
CA ASN A 101 -2.52 2.13 -4.57
C ASN A 101 -3.75 2.49 -3.72
N ASP A 102 -3.89 3.71 -3.28
CA ASP A 102 -4.99 4.01 -2.38
C ASP A 102 -6.39 3.97 -2.95
N VAL A 103 -6.53 4.04 -4.26
CA VAL A 103 -7.87 4.17 -4.81
C VAL A 103 -8.75 3.00 -4.36
N THR A 104 -10.05 3.27 -4.20
CA THR A 104 -10.98 2.23 -3.82
C THR A 104 -11.29 1.30 -4.99
N ALA A 105 -11.29 1.83 -6.21
CA ALA A 105 -11.59 1.03 -7.39
C ALA A 105 -10.84 1.60 -8.58
N ILE A 106 -10.71 0.78 -9.62
CA ILE A 106 -10.10 1.19 -10.88
C ILE A 106 -11.17 1.07 -11.96
N ILE A 107 -11.44 2.17 -12.64
CA ILE A 107 -12.45 2.21 -13.69
C ILE A 107 -11.74 1.82 -14.99
N PHE A 108 -11.92 0.56 -15.41
CA PHE A 108 -11.31 0.06 -16.62
C PHE A 108 -12.32 0.10 -17.75
N VAL A 109 -12.01 0.85 -18.81
CA VAL A 109 -12.89 1.02 -19.96
C VAL A 109 -12.30 0.25 -21.13
N VAL A 110 -13.13 -0.56 -21.78
CA VAL A 110 -12.72 -1.41 -22.88
C VAL A 110 -13.61 -1.12 -24.08
N ASP A 111 -13.00 -0.97 -25.25
CA ASP A 111 -13.74 -0.84 -26.51
C ASP A 111 -14.00 -2.24 -27.02
N SER A 112 -15.18 -2.78 -26.69
CA SER A 112 -15.53 -4.13 -27.10
C SER A 112 -15.84 -4.25 -28.58
N SER A 113 -16.03 -3.13 -29.27
CA SER A 113 -16.32 -3.19 -30.71
C SER A 113 -15.10 -3.66 -31.50
N ASP A 114 -13.91 -3.19 -31.14
CA ASP A 114 -12.68 -3.49 -31.88
C ASP A 114 -12.07 -4.76 -31.34
N TYR A 115 -12.06 -5.81 -32.14
CA TYR A 115 -11.47 -7.09 -31.73
C TYR A 115 -9.96 -7.07 -31.80
N ASN A 116 -9.37 -6.24 -32.65
CA ASN A 116 -7.93 -6.28 -32.86
C ASN A 116 -7.17 -5.92 -31.60
N ARG A 117 -7.59 -4.88 -30.90
CA ARG A 117 -6.93 -4.44 -29.67
C ARG A 117 -7.52 -5.10 -28.43
N LEU A 118 -8.48 -6.00 -28.60
CA LEU A 118 -9.10 -6.66 -27.46
C LEU A 118 -8.10 -7.49 -26.68
N GLN A 119 -7.20 -8.17 -27.38
CA GLN A 119 -6.18 -8.95 -26.68
C GLN A 119 -5.21 -8.05 -25.92
N GLU A 120 -4.88 -6.89 -26.49
CA GLU A 120 -4.05 -5.93 -25.77
C GLU A 120 -4.74 -5.43 -24.51
N ALA A 121 -6.05 -5.14 -24.60
CA ALA A 121 -6.80 -4.74 -23.42
C ALA A 121 -6.84 -5.85 -22.39
N LEU A 122 -7.00 -7.09 -22.83
CA LEU A 122 -7.00 -8.22 -21.90
C LEU A 122 -5.65 -8.36 -21.21
N ASN A 123 -4.56 -8.18 -21.94
CA ASN A 123 -3.23 -8.25 -21.34
C ASN A 123 -3.03 -7.14 -20.32
N ASP A 124 -3.48 -5.93 -20.65
CA ASP A 124 -3.38 -4.82 -19.70
C ASP A 124 -4.19 -5.11 -18.44
N PHE A 125 -5.40 -5.65 -18.61
CA PHE A 125 -6.21 -6.02 -17.46
C PHE A 125 -5.52 -7.08 -16.61
N LYS A 126 -4.84 -8.01 -17.26
CA LYS A 126 -4.15 -9.08 -16.56
C LYS A 126 -3.00 -8.54 -15.77
N SER A 127 -2.25 -7.62 -16.36
CA SER A 127 -1.13 -7.01 -15.66
C SER A 127 -1.59 -6.19 -14.47
N ILE A 128 -2.68 -5.44 -14.64
CA ILE A 128 -3.21 -4.65 -13.53
C ILE A 128 -3.74 -5.54 -12.42
N TRP A 129 -4.43 -6.62 -12.79
CA TRP A 129 -4.99 -7.53 -11.79
C TRP A 129 -3.90 -8.21 -10.98
N ASN A 130 -2.82 -8.62 -11.62
CA ASN A 130 -1.82 -9.37 -10.90
C ASN A 130 -0.71 -8.50 -10.31
N ASN A 131 -0.76 -7.20 -10.54
CA ASN A 131 0.28 -6.32 -10.02
C ASN A 131 0.33 -6.37 -8.49
N ARG A 132 1.54 -6.26 -7.95
CA ARG A 132 1.72 -6.36 -6.50
C ARG A 132 1.03 -5.23 -5.77
N TRP A 133 1.12 -4.00 -6.29
CA TRP A 133 0.54 -2.84 -5.65
C TRP A 133 -0.90 -2.58 -6.03
N LEU A 134 -1.45 -3.33 -6.99
CA LEU A 134 -2.84 -3.21 -7.37
C LEU A 134 -3.62 -4.49 -7.14
N ARG A 135 -3.07 -5.43 -6.37
CA ARG A 135 -3.75 -6.68 -6.09
C ARG A 135 -4.83 -6.53 -5.03
N THR A 136 -4.83 -5.44 -4.27
CA THR A 136 -5.87 -5.19 -3.28
C THR A 136 -7.02 -4.36 -3.85
N ILE A 137 -6.75 -3.60 -4.91
CA ILE A 137 -7.75 -2.70 -5.48
C ILE A 137 -8.69 -3.48 -6.38
N SER A 138 -9.99 -3.35 -6.13
CA SER A 138 -10.98 -3.92 -7.02
C SER A 138 -11.02 -3.14 -8.33
N VAL A 139 -11.49 -3.80 -9.38
CA VAL A 139 -11.56 -3.21 -10.71
C VAL A 139 -13.01 -3.16 -11.15
N ILE A 140 -13.45 -1.98 -11.57
CA ILE A 140 -14.76 -1.81 -12.18
C ILE A 140 -14.57 -1.79 -13.68
N LEU A 141 -15.17 -2.75 -14.38
CA LEU A 141 -14.93 -2.96 -15.80
C LEU A 141 -16.12 -2.45 -16.60
N PHE A 142 -15.85 -1.59 -17.57
CA PHE A 142 -16.87 -1.07 -18.47
C PHE A 142 -16.54 -1.52 -19.89
N LEU A 143 -17.41 -2.31 -20.48
CA LEU A 143 -17.24 -2.77 -21.86
C LEU A 143 -17.98 -1.80 -22.77
N ASN A 144 -17.37 -0.67 -23.02
CA ASN A 144 -18.02 0.36 -23.81
C ASN A 144 -18.32 0.00 -25.23
N LYS A 145 -18.97 0.91 -25.95
CA LYS A 145 -19.27 0.71 -27.34
C LYS A 145 -20.02 -0.55 -27.59
N GLN A 146 -20.92 -0.89 -26.70
CA GLN A 146 -21.74 -2.07 -26.89
C GLN A 146 -22.60 -1.87 -28.09
N ASP A 147 -22.97 -0.64 -28.34
CA ASP A 147 -23.75 -0.36 -29.52
C ASP A 147 -22.99 -0.73 -30.78
N LEU A 148 -21.71 -0.39 -30.82
CA LEU A 148 -20.94 -0.63 -32.02
C LEU A 148 -20.72 -2.11 -32.14
N LEU A 149 -20.36 -2.73 -31.04
CA LEU A 149 -20.17 -4.17 -31.01
C LEU A 149 -21.36 -4.91 -31.60
N ALA A 150 -22.58 -4.47 -31.25
CA ALA A 150 -23.78 -5.09 -31.80
C ALA A 150 -23.85 -4.89 -33.31
N GLU A 151 -23.51 -3.68 -33.78
CA GLU A 151 -23.54 -3.42 -35.21
C GLU A 151 -22.54 -4.30 -35.96
N LYS A 152 -21.33 -4.44 -35.41
CA LYS A 152 -20.32 -5.28 -36.04
C LYS A 152 -20.76 -6.74 -36.08
N VAL A 153 -21.30 -7.25 -34.97
CA VAL A 153 -21.74 -8.64 -34.93
C VAL A 153 -22.88 -8.87 -35.93
N LEU A 154 -23.83 -7.94 -35.98
CA LEU A 154 -24.96 -8.09 -36.90
C LEU A 154 -24.51 -8.03 -38.35
N ALA A 155 -23.54 -7.14 -38.66
CA ALA A 155 -23.00 -7.10 -40.01
C ALA A 155 -22.31 -8.41 -40.36
N GLY A 156 -21.50 -8.93 -39.45
CA GLY A 156 -20.86 -10.21 -39.66
C GLY A 156 -19.72 -10.21 -40.66
N LYS A 157 -19.30 -9.04 -41.13
CA LYS A 157 -18.16 -8.98 -42.05
C LYS A 157 -16.86 -9.34 -41.36
N SER A 158 -16.74 -9.03 -40.06
CA SER A 158 -15.58 -9.40 -39.27
C SER A 158 -16.00 -10.46 -38.27
N LYS A 159 -15.27 -11.57 -38.24
CA LYS A 159 -15.59 -12.70 -37.38
C LYS A 159 -14.68 -12.67 -36.15
N ILE A 160 -15.31 -12.72 -34.97
CA ILE A 160 -14.54 -12.75 -33.74
C ILE A 160 -13.82 -14.08 -33.55
N GLU A 161 -14.20 -15.11 -34.31
CA GLU A 161 -13.51 -16.39 -34.21
C GLU A 161 -12.06 -16.29 -34.66
N ASP A 162 -11.78 -15.43 -35.64
CA ASP A 162 -10.41 -15.26 -36.10
C ASP A 162 -9.51 -14.73 -34.99
N TYR A 163 -10.00 -13.76 -34.21
CA TYR A 163 -9.20 -13.18 -33.14
C TYR A 163 -9.28 -13.99 -31.86
N PHE A 164 -10.29 -14.85 -31.71
CA PHE A 164 -10.41 -15.73 -30.55
C PHE A 164 -11.01 -17.05 -31.01
N PRO A 165 -10.21 -18.08 -31.19
CA PRO A 165 -10.75 -19.36 -31.67
C PRO A 165 -11.68 -20.04 -30.70
N GLU A 166 -11.64 -19.68 -29.41
CA GLU A 166 -12.51 -20.30 -28.41
C GLU A 166 -13.97 -19.89 -28.56
N PHE A 167 -14.26 -18.88 -29.39
CA PHE A 167 -15.65 -18.43 -29.55
C PHE A 167 -16.50 -19.49 -30.22
N ALA A 168 -15.89 -20.38 -31.01
CA ALA A 168 -16.67 -21.42 -31.70
C ALA A 168 -17.30 -22.38 -30.71
N ARG A 169 -16.62 -22.69 -29.61
CA ARG A 169 -17.13 -23.63 -28.61
C ARG A 169 -17.66 -22.92 -27.37
N TYR A 170 -18.28 -21.76 -27.59
CA TYR A 170 -18.85 -21.00 -26.49
C TYR A 170 -20.34 -20.81 -26.65
N THR A 171 -21.09 -20.99 -25.58
CA THR A 171 -22.53 -20.80 -25.57
C THR A 171 -22.89 -19.82 -24.49
N THR A 172 -23.92 -19.00 -24.74
CA THR A 172 -24.28 -17.94 -23.80
C THR A 172 -24.70 -18.54 -22.47
N PRO A 173 -24.34 -17.91 -21.35
CA PRO A 173 -24.68 -18.48 -20.04
C PRO A 173 -26.17 -18.40 -19.76
N GLU A 174 -26.67 -19.25 -18.88
CA GLU A 174 -28.07 -19.18 -18.55
C GLU A 174 -28.33 -17.92 -17.79
N ASP A 175 -27.34 -17.47 -17.04
CA ASP A 175 -27.51 -16.27 -16.21
C ASP A 175 -27.47 -14.99 -17.00
N ALA A 176 -27.41 -15.08 -18.30
CA ALA A 176 -27.46 -13.89 -19.14
C ALA A 176 -28.84 -13.25 -19.08
N THR A 177 -28.86 -11.93 -19.06
CA THR A 177 -30.11 -11.15 -19.00
C THR A 177 -30.11 -10.15 -20.14
N PRO A 178 -30.29 -10.61 -21.38
CA PRO A 178 -30.26 -9.70 -22.52
C PRO A 178 -31.54 -8.90 -22.64
N GLU A 179 -31.43 -7.79 -23.36
CA GLU A 179 -32.59 -6.99 -23.69
C GLU A 179 -33.45 -7.73 -24.70
N PRO A 180 -34.77 -7.47 -24.72
CA PRO A 180 -35.62 -8.17 -25.70
C PRO A 180 -35.22 -7.92 -27.15
N GLY A 181 -34.70 -6.73 -27.45
CA GLY A 181 -34.27 -6.44 -28.81
C GLY A 181 -32.95 -7.06 -29.20
N GLU A 182 -32.15 -7.47 -28.23
CA GLU A 182 -30.85 -8.05 -28.53
C GLU A 182 -31.00 -9.39 -29.23
N ASP A 183 -30.15 -9.63 -30.24
CA ASP A 183 -30.12 -10.90 -30.92
C ASP A 183 -29.25 -11.89 -30.15
N PRO A 184 -29.51 -13.19 -30.30
CA PRO A 184 -28.68 -14.19 -29.59
C PRO A 184 -27.21 -14.11 -29.96
N ARG A 185 -26.89 -13.79 -31.21
CA ARG A 185 -25.49 -13.65 -31.60
C ARG A 185 -24.81 -12.51 -30.85
N VAL A 186 -25.49 -11.36 -30.77
CA VAL A 186 -24.92 -10.21 -30.07
C VAL A 186 -24.78 -10.50 -28.59
N THR A 187 -25.80 -11.13 -27.99
CA THR A 187 -25.71 -11.48 -26.58
C THR A 187 -24.55 -12.44 -26.32
N ARG A 188 -24.39 -13.40 -27.20
CA ARG A 188 -23.32 -14.35 -27.02
C ARG A 188 -21.96 -13.67 -27.14
N ALA A 189 -21.83 -12.78 -28.12
CA ALA A 189 -20.55 -12.09 -28.31
C ALA A 189 -20.19 -11.24 -27.09
N LYS A 190 -21.14 -10.43 -26.63
CA LYS A 190 -20.84 -9.55 -25.49
C LYS A 190 -20.57 -10.35 -24.24
N TYR A 191 -21.32 -11.43 -24.01
CA TYR A 191 -21.08 -12.24 -22.83
C TYR A 191 -19.79 -13.05 -22.95
N PHE A 192 -19.39 -13.39 -24.17
CA PHE A 192 -18.10 -14.03 -24.37
C PHE A 192 -16.96 -13.09 -24.02
N ILE A 193 -17.07 -11.82 -24.42
CA ILE A 193 -16.05 -10.84 -24.04
C ILE A 193 -16.02 -10.66 -22.52
N ARG A 194 -17.20 -10.54 -21.91
CA ARG A 194 -17.26 -10.39 -20.46
C ARG A 194 -16.65 -11.59 -19.75
N ASP A 195 -16.94 -12.80 -20.23
CA ASP A 195 -16.38 -14.00 -19.62
C ASP A 195 -14.89 -14.10 -19.87
N GLU A 196 -14.40 -13.60 -21.00
CA GLU A 196 -12.98 -13.57 -21.26
C GLU A 196 -12.26 -12.69 -20.25
N PHE A 197 -12.87 -11.56 -19.88
CA PHE A 197 -12.29 -10.73 -18.83
C PHE A 197 -12.43 -11.38 -17.45
N LEU A 198 -13.59 -11.98 -17.18
CA LEU A 198 -13.83 -12.57 -15.87
C LEU A 198 -12.96 -13.79 -15.62
N ARG A 199 -12.58 -14.52 -16.68
CA ARG A 199 -11.65 -15.63 -16.52
C ARG A 199 -10.31 -15.14 -15.99
N ILE A 200 -9.79 -14.06 -16.57
CA ILE A 200 -8.55 -13.46 -16.08
C ILE A 200 -8.74 -12.98 -14.65
N SER A 201 -9.89 -12.39 -14.35
CA SER A 201 -10.15 -11.90 -13.00
C SER A 201 -10.09 -13.03 -11.97
N THR A 202 -10.83 -14.11 -12.23
CA THR A 202 -10.97 -15.18 -11.24
C THR A 202 -9.81 -16.16 -11.25
N ALA A 203 -8.96 -16.15 -12.28
CA ALA A 203 -7.81 -17.05 -12.27
C ALA A 203 -6.86 -16.72 -11.13
N SER A 204 -6.68 -15.43 -10.84
CA SER A 204 -5.79 -14.99 -9.77
C SER A 204 -6.49 -14.06 -8.78
N GLY A 205 -7.82 -14.07 -8.76
CA GLY A 205 -8.54 -13.32 -7.75
C GLY A 205 -8.19 -13.75 -6.34
N ASP A 206 -7.46 -12.88 -5.62
CA ASP A 206 -7.01 -13.21 -4.28
C ASP A 206 -8.15 -13.26 -3.26
N GLY A 207 -9.34 -12.81 -3.62
CA GLY A 207 -10.44 -12.73 -2.69
C GLY A 207 -10.55 -11.41 -1.97
N ARG A 208 -9.55 -10.53 -2.11
CA ARG A 208 -9.59 -9.19 -1.53
C ARG A 208 -9.90 -8.12 -2.55
N HIS A 209 -10.03 -8.47 -3.83
CA HIS A 209 -10.38 -7.52 -4.86
C HIS A 209 -11.13 -8.25 -5.97
N TYR A 210 -12.16 -7.59 -6.50
CA TYR A 210 -13.13 -8.23 -7.38
C TYR A 210 -13.33 -7.38 -8.62
N CYS A 211 -13.85 -8.00 -9.66
CA CYS A 211 -14.14 -7.32 -10.92
C CYS A 211 -15.65 -7.23 -11.10
N TYR A 212 -16.12 -6.03 -11.46
CA TYR A 212 -17.55 -5.79 -11.67
C TYR A 212 -17.79 -5.41 -13.12
N PRO A 213 -18.23 -6.35 -13.96
CA PRO A 213 -18.36 -6.05 -15.39
C PRO A 213 -19.69 -5.43 -15.75
N HIS A 214 -19.66 -4.30 -16.45
CA HIS A 214 -20.86 -3.59 -16.87
C HIS A 214 -20.83 -3.39 -18.37
N PHE A 215 -21.95 -3.52 -19.04
CA PHE A 215 -21.98 -3.29 -20.44
C PHE A 215 -22.45 -1.89 -20.60
N THR A 216 -21.66 -1.05 -21.24
CA THR A 216 -21.98 0.35 -21.36
C THR A 216 -22.02 0.78 -22.78
N CYS A 217 -22.67 1.88 -23.06
CA CYS A 217 -22.68 2.45 -24.40
C CYS A 217 -22.28 3.89 -24.18
N SER A 218 -21.99 4.60 -25.25
CA SER A 218 -21.67 6.02 -25.12
C SER A 218 -22.80 6.87 -24.57
N VAL A 219 -24.02 6.62 -25.01
CA VAL A 219 -25.17 7.39 -24.55
C VAL A 219 -25.63 6.98 -23.17
N ASP A 220 -25.02 5.97 -22.60
CA ASP A 220 -25.43 5.48 -21.29
C ASP A 220 -25.22 6.55 -20.23
N THR A 221 -26.22 6.71 -19.36
CA THR A 221 -26.19 7.75 -18.32
C THR A 221 -26.23 7.19 -16.91
N GLU A 222 -26.22 5.87 -16.73
CA GLU A 222 -26.27 5.26 -15.42
C GLU A 222 -24.88 4.88 -14.91
N ASN A 223 -23.82 5.35 -15.56
CA ASN A 223 -22.47 4.95 -15.19
C ASN A 223 -22.11 5.42 -13.79
N ALA A 224 -22.53 6.64 -13.43
CA ALA A 224 -22.26 7.15 -12.09
C ALA A 224 -22.96 6.30 -11.03
N ARG A 225 -24.22 5.93 -11.28
CA ARG A 225 -24.94 5.08 -10.34
C ARG A 225 -24.31 3.70 -10.23
N ARG A 226 -23.85 3.15 -11.36
CA ARG A 226 -23.17 1.86 -11.32
C ARG A 226 -21.89 1.93 -10.52
N ILE A 227 -21.11 3.00 -10.70
CA ILE A 227 -19.89 3.17 -9.91
C ILE A 227 -20.22 3.34 -8.44
N PHE A 228 -21.32 4.04 -8.14
CA PHE A 228 -21.75 4.21 -6.76
C PHE A 228 -22.07 2.86 -6.11
N ASN A 229 -22.87 2.04 -6.79
CA ASN A 229 -23.23 0.73 -6.24
C ASN A 229 -22.01 -0.18 -6.12
N ASP A 230 -21.12 -0.13 -7.12
CA ASP A 230 -19.92 -0.96 -7.07
C ASP A 230 -19.01 -0.55 -5.93
N CYS A 231 -18.87 0.76 -5.69
CA CYS A 231 -18.09 1.22 -4.54
C CYS A 231 -18.74 0.82 -3.23
N ARG A 232 -20.07 0.88 -3.15
CA ARG A 232 -20.78 0.38 -1.99
C ARG A 232 -20.42 -1.08 -1.72
N ASP A 233 -20.49 -1.91 -2.75
CA ASP A 233 -20.18 -3.33 -2.58
C ASP A 233 -18.72 -3.53 -2.18
N ILE A 234 -17.80 -2.79 -2.81
CA ILE A 234 -16.38 -2.95 -2.51
C ILE A 234 -16.11 -2.62 -1.05
N ILE A 235 -16.60 -1.48 -0.58
CA ILE A 235 -16.32 -1.07 0.79
C ILE A 235 -17.07 -1.94 1.80
N GLN A 236 -18.28 -2.37 1.46
CA GLN A 236 -19.00 -3.28 2.35
C GLN A 236 -18.25 -4.59 2.51
N ARG A 237 -17.71 -5.14 1.41
CA ARG A 237 -16.96 -6.38 1.50
C ARG A 237 -15.64 -6.15 2.24
N MET A 238 -15.03 -4.98 2.07
CA MET A 238 -13.81 -4.67 2.83
C MET A 238 -14.11 -4.62 4.32
N HIS A 239 -15.22 -3.99 4.71
CA HIS A 239 -15.59 -3.94 6.12
C HIS A 239 -15.91 -5.33 6.66
N LEU A 240 -16.62 -6.15 5.87
CA LEU A 240 -16.93 -7.50 6.31
C LEU A 240 -15.66 -8.32 6.50
N ARG A 241 -14.69 -8.18 5.59
CA ARG A 241 -13.42 -8.86 5.73
C ARG A 241 -12.67 -8.38 6.96
N GLN A 242 -12.70 -7.07 7.23
CA GLN A 242 -12.03 -6.54 8.40
C GLN A 242 -12.69 -7.01 9.70
N TYR A 243 -13.99 -7.25 9.68
CA TYR A 243 -14.74 -7.68 10.84
C TYR A 243 -14.89 -9.19 10.93
N GLU A 244 -14.13 -9.93 10.12
CA GLU A 244 -14.18 -11.40 10.11
C GLU A 244 -15.59 -11.91 9.81
N LEU A 245 -16.28 -11.24 8.90
CA LEU A 245 -17.62 -11.63 8.48
C LEU A 245 -17.66 -12.17 7.07
N LEU A 246 -16.54 -12.20 6.36
CA LEU A 246 -16.50 -12.66 4.99
C LEU A 246 -15.15 -13.26 4.63
N GLU B 8 23.31 1.52 -44.26
CA GLU B 8 24.50 1.58 -43.43
C GLU B 8 24.15 1.35 -41.96
N LEU B 9 22.87 1.10 -41.70
CA LEU B 9 22.43 0.87 -40.33
C LEU B 9 23.10 -0.36 -39.76
N ASP B 10 23.19 -1.41 -40.56
CA ASP B 10 23.86 -2.64 -40.11
C ASP B 10 25.32 -2.38 -39.80
N GLN B 11 25.99 -1.61 -40.64
CA GLN B 11 27.40 -1.29 -40.41
C GLN B 11 27.54 -0.53 -39.11
N LEU B 12 26.64 0.43 -38.88
CA LEU B 12 26.69 1.20 -37.64
C LEU B 12 26.50 0.30 -36.44
N ARG B 13 25.58 -0.64 -36.53
CA ARG B 13 25.34 -1.56 -35.43
C ARG B 13 26.57 -2.42 -35.17
N GLN B 14 27.23 -2.87 -36.23
CA GLN B 14 28.44 -3.66 -36.06
C GLN B 14 29.52 -2.84 -35.38
N GLU B 15 29.65 -1.58 -35.77
CA GLU B 15 30.65 -0.71 -35.17
C GLU B 15 30.35 -0.54 -33.69
N ALA B 16 29.07 -0.37 -33.35
CA ALA B 16 28.68 -0.22 -31.95
C ALA B 16 29.03 -1.48 -31.17
N GLU B 17 28.78 -2.64 -31.76
CA GLU B 17 29.12 -3.90 -31.10
C GLU B 17 30.60 -4.01 -30.86
N GLN B 18 31.40 -3.59 -31.84
CA GLN B 18 32.85 -3.64 -31.69
C GLN B 18 33.28 -2.73 -30.56
N LEU B 19 32.68 -1.54 -30.48
CA LEU B 19 33.02 -0.61 -29.41
C LEU B 19 32.67 -1.22 -28.07
N LYS B 20 31.51 -1.88 -27.98
CA LYS B 20 31.10 -2.51 -26.73
C LYS B 20 32.08 -3.60 -26.33
N ASN B 21 32.54 -4.39 -27.29
CA ASN B 21 33.50 -5.44 -27.00
C ASN B 21 34.78 -4.84 -26.48
N GLN B 22 35.23 -3.74 -27.09
CA GLN B 22 36.46 -3.09 -26.66
C GLN B 22 36.29 -2.61 -25.24
N ILE B 23 35.14 -2.02 -24.91
CA ILE B 23 34.97 -1.50 -23.55
C ILE B 23 34.90 -2.65 -22.55
N ARG B 24 34.31 -3.79 -22.94
CA ARG B 24 34.30 -4.94 -22.04
C ARG B 24 35.72 -5.45 -21.79
N ASP B 25 36.53 -5.50 -22.83
CA ASP B 25 37.88 -6.04 -22.69
C ASP B 25 38.77 -5.11 -21.87
N ALA B 26 38.45 -3.83 -21.85
CA ALA B 26 39.30 -2.88 -21.14
C ALA B 26 39.10 -2.91 -19.65
N ARG B 27 37.86 -2.99 -19.19
CA ARG B 27 37.60 -3.08 -17.75
C ARG B 27 38.02 -4.42 -17.18
N LYS B 28 38.01 -5.46 -18.00
CA LYS B 28 38.46 -6.76 -17.54
C LYS B 28 39.94 -6.67 -17.26
N ALA B 29 40.68 -5.99 -18.13
CA ALA B 29 42.10 -5.79 -17.89
C ALA B 29 42.30 -4.99 -16.64
N CYS B 30 41.45 -3.98 -16.45
CA CYS B 30 41.50 -3.16 -15.24
C CYS B 30 41.21 -3.96 -14.00
N ALA B 31 40.36 -4.98 -14.10
CA ALA B 31 39.95 -5.72 -12.92
C ALA B 31 41.01 -6.69 -12.51
N ASP B 32 42.02 -6.18 -11.84
CA ASP B 32 43.11 -7.02 -11.44
C ASP B 32 42.62 -7.94 -10.35
N ALA B 33 41.90 -7.40 -9.39
CA ALA B 33 41.47 -8.20 -8.25
C ALA B 33 40.05 -7.79 -7.89
N THR B 34 39.59 -8.25 -6.73
CA THR B 34 38.27 -7.92 -6.24
C THR B 34 38.35 -7.32 -4.84
N LEU B 35 37.48 -6.35 -4.58
CA LEU B 35 37.44 -5.71 -3.27
C LEU B 35 37.19 -6.74 -2.18
N SER B 36 36.42 -7.78 -2.50
CA SER B 36 36.09 -8.77 -1.48
C SER B 36 37.33 -9.43 -0.92
N GLN B 37 38.23 -9.89 -1.79
CA GLN B 37 39.49 -10.48 -1.33
C GLN B 37 40.50 -9.42 -0.91
N ILE B 38 40.34 -8.18 -1.38
CA ILE B 38 41.23 -7.11 -0.94
C ILE B 38 40.96 -6.77 0.53
N THR B 39 39.69 -6.73 0.92
CA THR B 39 39.32 -6.37 2.29
C THR B 39 38.78 -7.55 3.09
N ASN B 40 39.22 -8.77 2.77
CA ASN B 40 38.82 -9.91 3.59
C ASN B 40 39.55 -9.96 4.91
N ASN B 41 40.68 -9.26 5.02
CA ASN B 41 41.48 -9.29 6.25
C ASN B 41 41.04 -8.24 7.25
N ILE B 42 40.33 -7.20 6.80
CA ILE B 42 39.97 -6.11 7.71
C ILE B 42 38.94 -6.60 8.73
N ASP B 43 38.93 -5.92 9.88
CA ASP B 43 38.05 -6.32 10.97
C ASP B 43 36.60 -5.97 10.62
N PRO B 44 35.66 -6.87 10.89
CA PRO B 44 34.24 -6.54 10.66
C PRO B 44 33.76 -5.44 11.59
N VAL B 45 32.78 -4.68 11.11
CA VAL B 45 32.22 -3.60 11.92
C VAL B 45 31.44 -4.13 13.12
N GLY B 46 31.01 -5.40 13.06
CA GLY B 46 30.17 -5.94 14.10
C GLY B 46 28.71 -5.62 13.87
N ARG B 47 27.88 -6.12 14.78
CA ARG B 47 26.44 -5.90 14.69
C ARG B 47 26.12 -4.42 14.90
N ILE B 48 25.44 -3.82 13.94
CA ILE B 48 25.04 -2.42 14.00
C ILE B 48 23.57 -2.38 14.42
N GLN B 49 23.30 -1.78 15.58
CA GLN B 49 21.96 -1.69 16.13
C GLN B 49 21.56 -0.22 16.24
N MET B 50 20.40 0.12 15.67
CA MET B 50 19.86 1.46 15.73
C MET B 50 18.46 1.40 16.30
N ARG B 51 18.14 2.37 17.16
CA ARG B 51 16.84 2.44 17.81
C ARG B 51 16.15 3.75 17.43
N THR B 52 14.86 3.67 17.12
CA THR B 52 14.10 4.84 16.74
C THR B 52 14.11 5.88 17.85
N ARG B 53 14.75 7.03 17.59
CA ARG B 53 14.88 8.05 18.62
C ARG B 53 13.66 8.95 18.65
N ARG B 54 13.31 9.55 17.52
CA ARG B 54 12.11 10.36 17.39
C ARG B 54 11.26 9.82 16.25
N THR B 55 9.97 9.64 16.52
CA THR B 55 9.01 9.30 15.49
C THR B 55 8.22 10.55 15.14
N LEU B 56 8.28 10.95 13.87
CA LEU B 56 7.64 12.19 13.44
C LEU B 56 6.27 11.93 12.86
N ARG B 57 5.26 12.00 13.70
CA ARG B 57 3.88 11.74 13.33
C ARG B 57 3.19 13.05 12.98
N GLY B 58 2.16 12.95 12.14
CA GLY B 58 1.43 14.11 11.69
C GLY B 58 0.97 14.01 10.25
N HIS B 59 1.62 13.15 9.48
CA HIS B 59 1.17 12.87 8.12
C HIS B 59 0.00 11.89 8.17
N LEU B 60 -1.07 12.22 7.46
CA LEU B 60 -2.26 11.38 7.44
C LEU B 60 -2.34 10.48 6.21
N ALA B 61 -1.25 10.40 5.44
CA ALA B 61 -1.22 9.57 4.25
C ALA B 61 0.20 9.05 4.06
N LYS B 62 0.39 8.22 3.04
CA LYS B 62 1.69 7.61 2.81
C LYS B 62 2.74 8.66 2.48
N ILE B 63 3.92 8.54 3.09
CA ILE B 63 5.02 9.44 2.80
C ILE B 63 5.77 8.92 1.59
N TYR B 64 5.97 9.80 0.60
CA TYR B 64 6.58 9.39 -0.66
C TYR B 64 8.06 9.77 -0.76
N ALA B 65 8.50 10.84 -0.10
CA ALA B 65 9.89 11.25 -0.18
C ALA B 65 10.23 12.15 1.00
N MET B 66 11.53 12.30 1.24
CA MET B 66 12.02 13.22 2.26
C MET B 66 13.41 13.68 1.87
N HIS B 67 13.86 14.76 2.50
CA HIS B 67 15.22 15.23 2.31
C HIS B 67 15.63 16.03 3.53
N TRP B 68 16.86 15.80 3.99
CA TRP B 68 17.39 16.46 5.17
C TRP B 68 17.85 17.88 4.81
N GLY B 69 18.33 18.60 5.82
CA GLY B 69 18.93 19.90 5.61
C GLY B 69 20.40 19.88 5.91
N THR B 70 21.15 20.85 5.37
CA THR B 70 22.58 20.90 5.62
C THR B 70 22.87 21.12 7.09
N ASP B 71 21.99 21.81 7.81
CA ASP B 71 22.14 21.99 9.24
C ASP B 71 21.95 20.69 10.02
N SER B 72 21.45 19.64 9.37
CA SER B 72 21.24 18.32 9.97
C SER B 72 20.22 18.36 11.09
N ARG B 73 19.35 19.36 11.10
CA ARG B 73 18.30 19.47 12.10
C ARG B 73 16.90 19.54 11.50
N LEU B 74 16.73 20.29 10.41
CA LEU B 74 15.45 20.42 9.75
C LEU B 74 15.38 19.47 8.56
N LEU B 75 14.24 18.80 8.41
CA LEU B 75 14.01 17.92 7.27
C LEU B 75 12.63 18.17 6.70
N VAL B 76 12.48 17.91 5.41
CA VAL B 76 11.22 18.07 4.71
C VAL B 76 10.68 16.69 4.35
N SER B 77 9.37 16.60 4.19
CA SER B 77 8.72 15.35 3.82
C SER B 77 7.59 15.64 2.84
N ALA B 78 7.31 14.66 2.00
CA ALA B 78 6.23 14.75 1.02
C ALA B 78 5.31 13.55 1.18
N SER B 79 4.00 13.80 1.12
CA SER B 79 3.02 12.75 1.28
C SER B 79 1.91 12.94 0.26
N GLN B 80 1.10 11.90 0.14
CA GLN B 80 0.02 11.89 -0.83
C GLN B 80 -1.19 12.66 -0.38
N ASP B 81 -1.17 13.18 0.83
CA ASP B 81 -2.27 13.98 1.31
C ASP B 81 -2.26 15.41 0.78
N GLY B 82 -1.20 15.81 0.10
CA GLY B 82 -1.09 17.14 -0.44
C GLY B 82 -0.34 18.13 0.41
N LYS B 83 0.38 17.64 1.43
CA LYS B 83 1.09 18.51 2.35
C LYS B 83 2.59 18.28 2.34
N LEU B 84 3.36 19.35 2.24
CA LEU B 84 4.82 19.26 2.28
C LEU B 84 5.18 19.78 3.65
N ILE B 85 5.70 18.93 4.53
CA ILE B 85 5.93 19.36 5.90
C ILE B 85 7.39 19.48 6.27
N ILE B 86 7.81 20.64 6.77
CA ILE B 86 9.19 20.79 7.22
C ILE B 86 9.22 20.57 8.73
N TRP B 87 10.06 19.65 9.18
CA TRP B 87 10.09 19.23 10.57
C TRP B 87 11.33 19.77 11.26
N ASP B 88 11.33 19.67 12.58
CA ASP B 88 12.50 19.93 13.42
C ASP B 88 12.72 18.66 14.22
N SER B 89 13.57 17.78 13.69
CA SER B 89 13.71 16.43 14.25
C SER B 89 14.24 16.45 15.68
N TYR B 90 14.90 17.52 16.11
CA TYR B 90 15.43 17.58 17.47
C TYR B 90 14.31 17.56 18.50
N THR B 91 13.25 18.34 18.26
CA THR B 91 12.13 18.45 19.19
C THR B 91 10.80 18.06 18.56
N THR B 92 10.80 17.54 17.34
CA THR B 92 9.60 17.10 16.63
C THR B 92 8.56 18.22 16.59
N ASN B 93 8.98 19.35 16.03
CA ASN B 93 8.12 20.52 15.86
C ASN B 93 7.92 20.79 14.39
N LYS B 94 6.66 20.85 13.96
CA LYS B 94 6.33 21.06 12.56
C LYS B 94 6.50 22.54 12.25
N VAL B 95 7.66 22.89 11.71
CA VAL B 95 7.97 24.29 11.43
C VAL B 95 7.04 24.84 10.35
N HIS B 96 6.83 24.08 9.28
CA HIS B 96 6.00 24.52 8.18
C HIS B 96 5.11 23.37 7.72
N ALA B 97 4.03 23.73 7.04
CA ALA B 97 3.12 22.75 6.42
C ALA B 97 2.61 23.40 5.12
N ILE B 98 3.29 23.11 4.02
CA ILE B 98 3.00 23.74 2.74
C ILE B 98 1.91 22.92 2.05
N PRO B 99 0.80 23.53 1.64
CA PRO B 99 -0.19 22.79 0.87
C PRO B 99 0.18 22.72 -0.60
N LEU B 100 0.00 21.54 -1.19
CA LEU B 100 0.36 21.34 -2.58
C LEU B 100 -0.88 21.22 -3.43
N ARG B 101 -0.83 21.80 -4.63
CA ARG B 101 -1.97 21.76 -5.54
C ARG B 101 -2.29 20.33 -5.97
N SER B 102 -1.27 19.53 -6.24
CA SER B 102 -1.43 18.14 -6.64
C SER B 102 -0.91 17.22 -5.55
N SER B 103 -1.68 16.18 -5.24
CA SER B 103 -1.35 15.23 -4.19
C SER B 103 -0.51 14.08 -4.69
N TRP B 104 -0.04 14.12 -5.92
CA TRP B 104 0.71 13.01 -6.47
C TRP B 104 2.20 13.28 -6.43
N VAL B 105 2.68 13.78 -5.31
CA VAL B 105 4.09 14.11 -5.17
C VAL B 105 4.94 12.87 -5.18
N MET B 106 6.13 12.94 -5.75
CA MET B 106 6.96 11.77 -5.83
C MET B 106 8.31 12.10 -5.27
N THR B 107 8.62 13.38 -5.12
CA THR B 107 9.94 13.74 -4.63
C THR B 107 9.89 15.12 -3.98
N CYS B 108 10.89 15.37 -3.14
CA CYS B 108 11.07 16.68 -2.53
C CYS B 108 12.55 16.86 -2.24
N ALA B 109 12.96 18.12 -2.14
CA ALA B 109 14.35 18.45 -1.89
C ALA B 109 14.42 19.65 -0.95
N TYR B 110 15.56 19.78 -0.27
CA TYR B 110 15.81 20.87 0.66
C TYR B 110 17.10 21.56 0.23
N ALA B 111 17.01 22.85 -0.05
CA ALA B 111 18.17 23.57 -0.57
C ALA B 111 19.28 23.60 0.48
N PRO B 112 20.54 23.55 0.04
CA PRO B 112 21.65 23.63 1.01
C PRO B 112 21.64 24.90 1.82
N SER B 113 21.19 26.02 1.24
CA SER B 113 21.07 27.26 1.99
C SER B 113 19.91 27.24 2.97
N GLY B 114 18.93 26.38 2.76
CA GLY B 114 17.78 26.29 3.63
C GLY B 114 16.67 27.26 3.32
N ASN B 115 16.87 28.18 2.38
CA ASN B 115 15.86 29.17 2.05
C ASN B 115 14.73 28.59 1.20
N TYR B 116 15.03 27.61 0.35
CA TYR B 116 14.06 27.09 -0.61
C TYR B 116 13.85 25.60 -0.39
N VAL B 117 12.65 25.13 -0.75
CA VAL B 117 12.32 23.71 -0.72
C VAL B 117 11.53 23.40 -1.99
N ALA B 118 11.89 22.32 -2.67
CA ALA B 118 11.29 21.94 -3.93
C ALA B 118 10.49 20.65 -3.79
N CYS B 119 9.52 20.49 -4.68
CA CYS B 119 8.73 19.26 -4.75
C CYS B 119 8.25 19.07 -6.17
N GLY B 120 7.93 17.81 -6.49
CA GLY B 120 7.45 17.47 -7.82
C GLY B 120 6.86 16.08 -7.82
N GLY B 121 6.18 15.76 -8.90
CA GLY B 121 5.57 14.46 -9.02
C GLY B 121 4.91 14.22 -10.35
N LEU B 122 3.72 13.63 -10.34
CA LEU B 122 3.03 13.32 -11.59
C LEU B 122 2.56 14.56 -12.32
N ASP B 123 2.60 15.71 -11.65
CA ASP B 123 2.15 16.95 -12.27
C ASP B 123 3.11 17.44 -13.34
N ASN B 124 4.23 16.75 -13.53
CA ASN B 124 5.24 17.10 -14.53
C ASN B 124 5.82 18.49 -14.31
N ILE B 125 5.70 19.02 -13.08
CA ILE B 125 6.13 20.38 -12.76
C ILE B 125 6.91 20.35 -11.46
N CYS B 126 8.07 21.00 -11.45
CA CYS B 126 8.85 21.17 -10.23
C CYS B 126 8.46 22.49 -9.58
N SER B 127 7.95 22.42 -8.37
CA SER B 127 7.47 23.59 -7.64
C SER B 127 8.51 24.02 -6.62
N ILE B 128 8.94 25.27 -6.71
CA ILE B 128 9.94 25.82 -5.80
C ILE B 128 9.22 26.66 -4.76
N TYR B 129 9.45 26.35 -3.48
CA TYR B 129 8.77 27.01 -2.38
C TYR B 129 9.76 27.83 -1.56
N ASN B 130 9.45 29.11 -1.37
CA ASN B 130 10.29 30.02 -0.60
C ASN B 130 9.93 29.92 0.88
N LEU B 131 10.93 29.74 1.72
CA LEU B 131 10.73 29.55 3.15
C LEU B 131 11.21 30.72 3.99
N LYS B 132 11.83 31.74 3.39
CA LYS B 132 12.37 32.88 4.11
C LYS B 132 11.75 34.19 3.66
N THR B 133 10.60 34.15 2.99
CA THR B 133 9.99 35.35 2.45
C THR B 133 9.57 36.29 3.58
N ARG B 134 9.48 37.58 3.24
CA ARG B 134 9.15 38.59 4.25
C ARG B 134 7.73 38.44 4.76
N GLU B 135 6.80 37.99 3.93
CA GLU B 135 5.42 37.85 4.35
C GLU B 135 5.23 36.79 5.42
N GLY B 136 6.17 35.85 5.55
CA GLY B 136 6.08 34.81 6.55
C GLY B 136 5.26 33.61 6.16
N ASN B 137 4.65 33.62 4.98
CA ASN B 137 3.85 32.50 4.49
C ASN B 137 4.53 31.88 3.28
N VAL B 138 4.59 30.55 3.27
CA VAL B 138 5.25 29.85 2.17
C VAL B 138 4.50 30.13 0.87
N ARG B 139 5.24 30.52 -0.16
CA ARG B 139 4.66 30.93 -1.42
C ARG B 139 5.33 30.21 -2.57
N VAL B 140 4.54 29.91 -3.61
CA VAL B 140 5.05 29.27 -4.81
C VAL B 140 6.01 30.24 -5.51
N SER B 141 7.30 29.92 -5.50
CA SER B 141 8.27 30.78 -6.15
C SER B 141 8.21 30.63 -7.66
N ARG B 142 8.50 29.44 -8.17
CA ARG B 142 8.48 29.19 -9.60
C ARG B 142 7.90 27.81 -9.88
N GLU B 143 7.27 27.67 -11.03
CA GLU B 143 6.80 26.39 -11.56
C GLU B 143 7.68 26.04 -12.76
N LEU B 144 8.61 25.12 -12.55
CA LEU B 144 9.53 24.70 -13.59
C LEU B 144 8.81 23.70 -14.49
N ALA B 145 8.24 24.20 -15.60
CA ALA B 145 7.50 23.37 -16.54
C ALA B 145 8.31 23.20 -17.81
N GLY B 146 8.09 22.06 -18.48
CA GLY B 146 8.84 21.74 -19.68
C GLY B 146 9.13 20.26 -19.81
N HIS B 147 9.05 19.53 -18.70
CA HIS B 147 9.22 18.08 -18.75
C HIS B 147 7.98 17.43 -19.35
N THR B 148 8.18 16.26 -19.96
CA THR B 148 7.10 15.50 -20.56
C THR B 148 6.90 14.17 -19.84
N GLY B 149 7.31 14.10 -18.59
CA GLY B 149 7.13 12.89 -17.80
C GLY B 149 7.19 13.22 -16.32
N TYR B 150 6.68 12.29 -15.51
CA TYR B 150 6.60 12.51 -14.08
C TYR B 150 7.98 12.76 -13.50
N LEU B 151 8.06 13.70 -12.55
CA LEU B 151 9.32 14.03 -11.90
C LEU B 151 9.60 13.02 -10.80
N SER B 152 10.67 12.25 -10.95
CA SER B 152 11.01 11.22 -9.99
C SER B 152 11.98 11.69 -8.93
N CYS B 153 12.82 12.68 -9.23
CA CYS B 153 13.76 13.20 -8.25
C CYS B 153 14.18 14.60 -8.64
N CYS B 154 14.69 15.34 -7.67
CA CYS B 154 15.21 16.69 -7.90
C CYS B 154 16.16 17.04 -6.77
N ARG B 155 17.27 17.68 -7.10
CA ARG B 155 18.26 18.07 -6.11
C ARG B 155 18.76 19.47 -6.42
N PHE B 156 19.10 20.21 -5.37
CA PHE B 156 19.51 21.60 -5.48
C PHE B 156 21.02 21.70 -5.64
N LEU B 157 21.47 22.33 -6.72
CA LEU B 157 22.88 22.70 -6.83
C LEU B 157 23.17 23.92 -5.98
N ASP B 158 22.45 25.01 -6.27
CA ASP B 158 22.58 26.25 -5.50
C ASP B 158 21.16 26.84 -5.43
N ASP B 159 21.01 28.02 -4.84
CA ASP B 159 19.70 28.63 -4.74
C ASP B 159 19.09 28.97 -6.09
N ASN B 160 19.87 28.91 -7.18
CA ASN B 160 19.38 29.25 -8.51
C ASN B 160 19.34 28.10 -9.50
N GLN B 161 19.98 27.00 -9.20
CA GLN B 161 20.02 25.89 -10.12
C GLN B 161 19.53 24.63 -9.45
N ILE B 162 18.77 23.84 -10.17
CA ILE B 162 18.22 22.59 -9.67
C ILE B 162 18.26 21.57 -10.79
N VAL B 163 18.59 20.32 -10.44
CA VAL B 163 18.64 19.22 -11.39
C VAL B 163 17.46 18.31 -11.11
N THR B 164 16.58 18.16 -12.09
CA THR B 164 15.36 17.37 -11.95
C THR B 164 15.37 16.21 -12.94
N SER B 165 15.11 15.01 -12.43
CA SER B 165 14.98 13.83 -13.28
C SER B 165 13.50 13.52 -13.51
N SER B 166 13.22 13.04 -14.70
CA SER B 166 11.86 12.80 -15.07
C SER B 166 11.59 11.43 -15.61
N GLY B 167 10.36 11.19 -15.99
CA GLY B 167 9.99 9.93 -16.58
C GLY B 167 10.02 9.89 -18.09
N ASP B 168 10.55 10.93 -18.73
CA ASP B 168 10.66 10.98 -20.17
C ASP B 168 12.07 10.62 -20.60
N THR B 169 12.76 9.81 -19.83
CA THR B 169 14.11 9.33 -20.11
C THR B 169 15.13 10.46 -20.21
N THR B 170 14.88 11.60 -19.55
CA THR B 170 15.77 12.74 -19.61
C THR B 170 15.98 13.31 -18.21
N CYS B 171 17.11 14.01 -18.06
CA CYS B 171 17.39 14.84 -16.89
C CYS B 171 17.68 16.26 -17.37
N ALA B 172 17.13 17.24 -16.67
CA ALA B 172 17.24 18.63 -17.08
C ALA B 172 17.77 19.47 -15.92
N LEU B 173 18.54 20.50 -16.27
CA LEU B 173 19.05 21.47 -15.32
C LEU B 173 18.32 22.78 -15.53
N TRP B 174 17.75 23.33 -14.46
CA TRP B 174 16.88 24.49 -14.53
C TRP B 174 17.53 25.70 -13.91
N ASP B 175 17.30 26.86 -14.51
CA ASP B 175 17.66 28.14 -13.93
C ASP B 175 16.41 28.71 -13.27
N ILE B 176 16.41 28.75 -11.93
CA ILE B 176 15.18 29.05 -11.19
C ILE B 176 14.70 30.46 -11.47
N GLU B 177 15.63 31.43 -11.56
CA GLU B 177 15.23 32.82 -11.73
C GLU B 177 14.47 33.03 -13.04
N THR B 178 14.91 32.37 -14.11
CA THR B 178 14.24 32.49 -15.41
C THR B 178 13.30 31.33 -15.71
N GLY B 179 13.37 30.24 -14.96
CA GLY B 179 12.48 29.12 -15.19
C GLY B 179 12.66 28.44 -16.52
N GLN B 180 13.91 28.21 -16.93
CA GLN B 180 14.22 27.58 -18.21
C GLN B 180 15.28 26.50 -18.02
N GLN B 181 15.27 25.53 -18.93
CA GLN B 181 16.23 24.43 -18.89
C GLN B 181 17.56 24.92 -19.45
N THR B 182 18.53 25.16 -18.57
CA THR B 182 19.86 25.57 -19.02
C THR B 182 20.52 24.48 -19.84
N THR B 183 20.43 23.23 -19.37
CA THR B 183 21.05 22.10 -20.05
C THR B 183 20.18 20.87 -19.87
N THR B 184 19.97 20.13 -20.95
CA THR B 184 19.16 18.92 -20.94
C THR B 184 20.06 17.72 -21.20
N PHE B 185 19.96 16.71 -20.35
CA PHE B 185 20.75 15.50 -20.45
C PHE B 185 19.89 14.37 -21.04
N THR B 186 20.37 13.77 -22.12
CA THR B 186 19.65 12.73 -22.82
C THR B 186 20.56 11.52 -23.03
N GLY B 187 19.93 10.38 -23.29
CA GLY B 187 20.68 9.16 -23.51
C GLY B 187 20.04 7.93 -22.90
N HIS B 188 19.27 8.12 -21.82
CA HIS B 188 18.58 7.00 -21.20
C HIS B 188 17.46 6.50 -22.11
N THR B 189 17.24 5.19 -22.09
CA THR B 189 16.14 4.57 -22.82
C THR B 189 14.96 4.21 -21.92
N GLY B 190 15.05 4.54 -20.63
CA GLY B 190 13.96 4.26 -19.71
C GLY B 190 13.77 5.43 -18.76
N ASP B 191 12.67 5.36 -17.99
CA ASP B 191 12.36 6.42 -17.06
C ASP B 191 13.46 6.56 -16.02
N VAL B 192 13.90 7.80 -15.81
CA VAL B 192 14.91 8.07 -14.79
C VAL B 192 14.21 8.16 -13.43
N MET B 193 14.74 7.46 -12.45
CA MET B 193 14.09 7.38 -11.18
C MET B 193 14.79 8.03 -10.01
N SER B 194 16.08 8.26 -10.11
CA SER B 194 16.82 8.90 -9.04
C SER B 194 18.06 9.57 -9.49
N LEU B 195 18.55 10.53 -8.71
CA LEU B 195 19.77 11.21 -9.05
C LEU B 195 20.57 11.49 -7.82
N SER B 196 21.89 11.53 -7.93
CA SER B 196 22.72 11.89 -6.82
C SER B 196 23.72 12.88 -7.28
N LEU B 197 23.87 14.00 -6.57
CA LEU B 197 24.81 15.02 -6.94
C LEU B 197 26.12 14.73 -6.27
N ALA B 198 27.19 15.27 -6.80
CA ALA B 198 28.52 15.05 -6.25
C ALA B 198 28.82 16.01 -5.12
N PRO B 199 29.75 15.66 -4.23
CA PRO B 199 30.17 16.61 -3.19
C PRO B 199 30.69 17.92 -3.75
N ASP B 200 31.37 17.88 -4.89
CA ASP B 200 31.84 19.11 -5.53
C ASP B 200 30.79 19.71 -6.47
N THR B 201 29.64 19.07 -6.63
CA THR B 201 28.52 19.57 -7.44
C THR B 201 28.93 19.85 -8.88
N ARG B 202 29.87 19.05 -9.41
CA ARG B 202 30.25 19.14 -10.81
C ARG B 202 29.80 17.95 -11.63
N LEU B 203 29.45 16.83 -10.99
CA LEU B 203 28.98 15.64 -11.67
C LEU B 203 27.77 15.09 -10.94
N PHE B 204 26.94 14.35 -11.66
CA PHE B 204 25.83 13.65 -11.04
C PHE B 204 25.47 12.44 -11.88
N VAL B 205 24.82 11.47 -11.23
CA VAL B 205 24.42 10.23 -11.86
C VAL B 205 22.90 10.14 -11.87
N SER B 206 22.36 9.29 -12.72
CA SER B 206 20.92 9.13 -12.88
C SER B 206 20.60 7.67 -13.16
N GLY B 207 20.13 6.96 -12.14
CA GLY B 207 19.64 5.62 -12.36
C GLY B 207 18.31 5.64 -13.09
N ALA B 208 18.12 4.66 -13.97
CA ALA B 208 16.97 4.67 -14.87
C ALA B 208 16.31 3.30 -14.86
N CYS B 209 15.26 3.17 -15.66
CA CYS B 209 14.50 1.93 -15.79
C CYS B 209 15.08 0.99 -16.85
N ASP B 210 16.20 1.34 -17.46
CA ASP B 210 16.88 0.47 -18.40
C ASP B 210 18.07 -0.25 -17.78
N ALA B 211 18.17 -0.24 -16.45
CA ALA B 211 19.28 -0.83 -15.70
C ALA B 211 20.62 -0.18 -16.05
N SER B 212 20.59 1.06 -16.54
CA SER B 212 21.80 1.79 -16.88
C SER B 212 21.91 3.01 -15.98
N ALA B 213 23.06 3.16 -15.31
CA ALA B 213 23.37 4.33 -14.52
C ALA B 213 24.43 5.13 -15.27
N LYS B 214 24.10 6.37 -15.61
CA LYS B 214 24.98 7.22 -16.39
C LYS B 214 25.59 8.30 -15.51
N LEU B 215 26.79 8.74 -15.87
CA LEU B 215 27.48 9.83 -15.18
C LEU B 215 27.54 11.03 -16.12
N TRP B 216 27.00 12.16 -15.67
CA TRP B 216 26.86 13.34 -16.50
C TRP B 216 27.77 14.46 -16.03
N ASP B 217 28.25 15.26 -16.98
CA ASP B 217 28.99 16.46 -16.67
C ASP B 217 28.01 17.63 -16.65
N VAL B 218 27.98 18.35 -15.53
CA VAL B 218 27.02 19.44 -15.37
C VAL B 218 27.29 20.56 -16.37
N ARG B 219 28.56 20.91 -16.56
CA ARG B 219 28.90 22.04 -17.42
C ARG B 219 28.68 21.70 -18.89
N GLU B 220 29.37 20.66 -19.37
CA GLU B 220 29.27 20.29 -20.78
C GLU B 220 28.00 19.59 -21.18
N GLY B 221 27.21 19.16 -20.22
CA GLY B 221 25.94 18.54 -20.52
C GLY B 221 26.00 17.26 -21.30
N MET B 222 27.06 16.49 -21.11
CA MET B 222 27.21 15.24 -21.84
C MET B 222 27.44 14.08 -20.91
N CYS B 223 27.00 12.90 -21.29
CA CYS B 223 27.30 11.72 -20.48
C CYS B 223 28.78 11.42 -20.58
N ARG B 224 29.41 11.12 -19.45
CA ARG B 224 30.81 10.81 -19.46
C ARG B 224 31.00 9.32 -19.43
N GLN B 225 30.23 8.63 -18.59
CA GLN B 225 30.31 7.18 -18.53
C GLN B 225 28.91 6.60 -18.37
N THR B 226 28.77 5.35 -18.79
CA THR B 226 27.54 4.58 -18.60
C THR B 226 27.89 3.30 -17.87
N PHE B 227 27.10 2.97 -16.84
CA PHE B 227 27.35 1.81 -16.00
C PHE B 227 26.23 0.79 -16.18
N THR B 228 26.61 -0.48 -16.28
CA THR B 228 25.68 -1.57 -16.41
C THR B 228 26.04 -2.66 -15.41
N GLY B 229 25.06 -3.51 -15.12
CA GLY B 229 25.27 -4.56 -14.15
C GLY B 229 23.93 -5.03 -13.63
N HIS B 230 23.00 -4.12 -13.46
CA HIS B 230 21.71 -4.48 -12.91
C HIS B 230 20.86 -5.20 -13.91
N GLU B 231 19.93 -5.99 -13.41
CA GLU B 231 19.07 -6.75 -14.27
C GLU B 231 17.66 -6.28 -14.26
N SER B 232 17.37 -5.12 -13.71
CA SER B 232 16.02 -4.57 -13.75
C SER B 232 15.99 -3.11 -13.39
N ASP B 233 14.78 -2.55 -13.29
CA ASP B 233 14.60 -1.13 -12.96
C ASP B 233 15.34 -0.59 -11.73
N ILE B 234 16.11 0.47 -11.91
CA ILE B 234 16.89 1.07 -10.82
C ILE B 234 16.06 2.16 -10.18
N ASN B 235 15.88 2.07 -8.86
CA ASN B 235 15.02 3.00 -8.13
C ASN B 235 15.79 4.00 -7.27
N ALA B 236 17.06 3.74 -6.96
CA ALA B 236 17.80 4.63 -6.09
C ALA B 236 19.27 4.62 -6.48
N ILE B 237 19.96 5.70 -6.12
CA ILE B 237 21.38 5.84 -6.43
C ILE B 237 21.94 6.94 -5.55
N CYS B 238 23.13 6.71 -5.00
CA CYS B 238 23.72 7.67 -4.06
C CYS B 238 25.22 7.68 -4.11
N PHE B 239 25.81 8.83 -4.35
CA PHE B 239 27.24 8.93 -4.44
C PHE B 239 27.93 8.59 -3.13
N PHE B 240 29.11 8.03 -3.25
CA PHE B 240 29.89 7.67 -2.10
C PHE B 240 30.44 8.99 -1.56
N PRO B 241 30.76 9.08 -0.25
CA PRO B 241 31.26 10.34 0.24
C PRO B 241 32.46 10.88 -0.54
N ASN B 242 33.39 10.03 -0.98
CA ASN B 242 34.57 10.45 -1.73
C ASN B 242 34.17 11.07 -3.04
N GLY B 243 33.12 10.55 -3.64
CA GLY B 243 32.68 11.05 -4.93
C GLY B 243 33.23 10.25 -6.08
N ASN B 244 34.02 9.24 -5.78
CA ASN B 244 34.58 8.39 -6.81
C ASN B 244 33.78 7.13 -7.07
N ALA B 245 32.71 6.92 -6.33
CA ALA B 245 31.91 5.72 -6.49
C ALA B 245 30.50 5.99 -6.13
N PHE B 246 29.57 5.16 -6.59
CA PHE B 246 28.18 5.30 -6.19
C PHE B 246 27.54 3.96 -5.97
N ALA B 247 26.41 3.91 -5.31
CA ALA B 247 25.69 2.67 -5.14
C ALA B 247 24.34 2.79 -5.76
N THR B 248 23.72 1.67 -6.08
CA THR B 248 22.43 1.71 -6.72
C THR B 248 21.51 0.67 -6.15
N GLY B 249 20.23 0.96 -6.14
CA GLY B 249 19.22 0.00 -5.69
C GLY B 249 18.24 -0.26 -6.82
N SER B 250 17.95 -1.54 -7.06
CA SER B 250 17.15 -1.93 -8.21
C SER B 250 15.98 -2.80 -7.78
N ASP B 251 15.16 -3.17 -8.76
CA ASP B 251 14.00 -4.03 -8.51
C ASP B 251 14.37 -5.50 -8.47
N ASP B 252 15.62 -5.86 -8.76
CA ASP B 252 16.07 -7.24 -8.67
C ASP B 252 16.50 -7.63 -7.26
N ALA B 253 16.13 -6.84 -6.27
CA ALA B 253 16.49 -7.11 -4.89
C ALA B 253 17.98 -7.20 -4.77
N THR B 254 18.67 -6.26 -5.36
CA THR B 254 20.13 -6.25 -5.35
C THR B 254 20.64 -4.81 -5.38
N CYS B 255 21.66 -4.55 -4.55
CA CYS B 255 22.31 -3.26 -4.57
C CYS B 255 23.68 -3.55 -5.15
N ARG B 256 24.23 -2.65 -5.95
CA ARG B 256 25.54 -2.81 -6.55
C ARG B 256 26.31 -1.49 -6.47
N LEU B 257 27.61 -1.59 -6.25
CA LEU B 257 28.49 -0.44 -6.13
C LEU B 257 29.33 -0.32 -7.40
N PHE B 258 29.33 0.87 -7.99
CA PHE B 258 30.09 1.14 -9.20
C PHE B 258 31.16 2.18 -8.91
N ASP B 259 32.33 2.00 -9.51
CA ASP B 259 33.44 2.93 -9.34
C ASP B 259 33.61 3.76 -10.60
N LEU B 260 33.69 5.09 -10.43
CA LEU B 260 33.81 5.98 -11.58
C LEU B 260 35.14 5.76 -12.30
N ARG B 261 36.24 5.70 -11.57
CA ARG B 261 37.53 5.58 -12.25
C ARG B 261 37.76 4.23 -12.92
N ALA B 262 37.52 3.13 -12.22
CA ALA B 262 37.64 1.81 -12.83
C ALA B 262 36.62 1.60 -13.94
N ASP B 263 35.48 2.27 -13.88
CA ASP B 263 34.41 2.20 -14.90
C ASP B 263 33.38 1.10 -14.73
N GLN B 264 33.57 0.25 -13.70
CA GLN B 264 32.70 -0.92 -13.52
C GLN B 264 32.34 -1.31 -12.09
N GLU B 265 31.41 -2.25 -11.95
CA GLU B 265 30.96 -2.70 -10.64
C GLU B 265 32.05 -3.30 -9.75
N LEU B 266 31.96 -3.05 -8.45
CA LEU B 266 32.91 -3.58 -7.51
C LEU B 266 32.22 -4.50 -6.51
N MET B 267 30.93 -4.26 -6.26
CA MET B 267 30.20 -5.05 -5.27
C MET B 267 28.74 -5.34 -5.58
N THR B 268 28.26 -6.52 -5.19
CA THR B 268 26.87 -6.90 -5.32
C THR B 268 26.33 -7.17 -3.92
N TYR B 269 25.43 -6.32 -3.43
CA TYR B 269 24.87 -6.45 -2.10
C TYR B 269 23.52 -7.12 -2.22
N SER B 270 23.51 -8.44 -2.23
CA SER B 270 22.30 -9.22 -2.42
C SER B 270 22.42 -10.53 -1.67
N HIS B 271 21.29 -11.15 -1.38
CA HIS B 271 21.31 -12.44 -0.71
C HIS B 271 20.22 -13.28 -1.33
N ASP B 272 20.32 -14.60 -1.21
CA ASP B 272 19.33 -15.47 -1.79
C ASP B 272 17.97 -15.20 -1.18
N ASN B 273 17.95 -14.93 0.12
CA ASN B 273 16.69 -14.68 0.81
C ASN B 273 15.96 -13.49 0.25
N ILE B 274 16.68 -12.43 -0.11
CA ILE B 274 16.07 -11.18 -0.56
C ILE B 274 15.37 -11.28 -1.90
N ILE B 275 14.08 -10.93 -1.96
CA ILE B 275 13.32 -11.05 -3.19
C ILE B 275 12.46 -9.81 -3.33
N CYS B 276 12.77 -8.78 -2.55
CA CYS B 276 12.04 -7.52 -2.56
C CYS B 276 12.93 -6.41 -3.09
N GLY B 277 12.41 -5.61 -4.01
CA GLY B 277 13.20 -4.55 -4.60
C GLY B 277 13.53 -3.44 -3.62
N ILE B 278 14.55 -2.66 -3.98
CA ILE B 278 15.04 -1.57 -3.14
C ILE B 278 14.40 -0.27 -3.62
N THR B 279 13.85 0.51 -2.68
CA THR B 279 13.25 1.79 -2.99
C THR B 279 14.18 2.97 -2.75
N SER B 280 15.16 2.82 -1.87
CA SER B 280 16.03 3.93 -1.51
C SER B 280 17.32 3.40 -0.92
N VAL B 281 18.43 4.06 -1.26
CA VAL B 281 19.74 3.73 -0.70
C VAL B 281 20.39 5.01 -0.21
N SER B 282 21.30 4.85 0.74
CA SER B 282 22.07 5.97 1.26
C SER B 282 23.33 5.43 1.94
N PHE B 283 24.32 6.31 2.08
CA PHE B 283 25.58 5.95 2.71
C PHE B 283 25.71 6.64 4.06
N SER B 284 26.60 6.09 4.88
CA SER B 284 26.94 6.71 6.15
C SER B 284 27.89 7.89 5.90
N LYS B 285 28.34 8.53 6.98
CA LYS B 285 29.26 9.64 6.84
C LYS B 285 30.59 9.19 6.23
N SER B 286 31.12 8.06 6.70
CA SER B 286 32.38 7.55 6.19
C SER B 286 32.21 6.61 5.01
N GLY B 287 30.98 6.25 4.65
CA GLY B 287 30.72 5.35 3.55
C GLY B 287 30.89 3.88 3.88
N ARG B 288 31.23 3.54 5.12
CA ARG B 288 31.40 2.13 5.47
C ARG B 288 30.06 1.41 5.51
N LEU B 289 28.98 2.10 5.89
CA LEU B 289 27.65 1.51 5.95
C LEU B 289 26.84 1.99 4.76
N LEU B 290 26.16 1.06 4.10
CA LEU B 290 25.27 1.37 2.99
C LEU B 290 23.86 0.94 3.40
N LEU B 291 23.03 1.93 3.76
CA LEU B 291 21.67 1.66 4.20
C LEU B 291 20.75 1.63 3.00
N ALA B 292 19.88 0.62 2.93
CA ALA B 292 18.96 0.47 1.82
C ALA B 292 17.56 0.19 2.33
N GLY B 293 16.56 0.67 1.60
CA GLY B 293 15.18 0.45 1.96
C GLY B 293 14.46 -0.45 0.97
N TYR B 294 13.92 -1.56 1.45
CA TYR B 294 13.29 -2.55 0.60
C TYR B 294 11.77 -2.43 0.67
N ASP B 295 11.11 -3.23 -0.16
CA ASP B 295 9.64 -3.32 -0.15
C ASP B 295 9.12 -4.23 0.95
N ASP B 296 10.00 -4.97 1.62
CA ASP B 296 9.58 -5.89 2.66
C ASP B 296 9.36 -5.17 3.96
N PHE B 297 9.18 -3.86 3.89
CA PHE B 297 8.91 -3.04 5.08
C PHE B 297 10.14 -2.87 5.96
N ASN B 298 11.31 -3.25 5.48
CA ASN B 298 12.51 -3.18 6.29
C ASN B 298 13.67 -2.53 5.60
N CYS B 299 14.56 -1.92 6.36
CA CYS B 299 15.75 -1.31 5.81
C CYS B 299 16.92 -2.11 6.32
N ASN B 300 17.86 -2.47 5.46
CA ASN B 300 18.97 -3.29 5.88
C ASN B 300 20.24 -2.52 5.72
N VAL B 301 21.12 -2.60 6.70
CA VAL B 301 22.35 -1.86 6.66
C VAL B 301 23.45 -2.79 6.22
N TRP B 302 24.15 -2.44 5.15
CA TRP B 302 25.18 -3.30 4.62
C TRP B 302 26.54 -2.73 4.79
N ASP B 303 27.51 -3.58 5.02
CA ASP B 303 28.91 -3.15 5.12
C ASP B 303 29.46 -3.05 3.71
N ALA B 304 29.60 -1.82 3.22
CA ALA B 304 30.07 -1.60 1.85
C ALA B 304 31.33 -2.37 1.50
N LEU B 305 32.34 -2.31 2.37
CA LEU B 305 33.62 -2.96 2.06
C LEU B 305 33.51 -4.48 1.93
N LYS B 306 32.73 -5.12 2.79
CA LYS B 306 32.65 -6.58 2.76
C LYS B 306 31.30 -7.14 2.33
N ALA B 307 30.38 -6.29 1.90
CA ALA B 307 29.08 -6.74 1.40
C ALA B 307 28.36 -7.65 2.39
N ASP B 308 28.75 -7.61 3.66
CA ASP B 308 28.14 -8.43 4.70
C ASP B 308 27.11 -7.60 5.46
N ARG B 309 25.90 -8.16 5.60
CA ARG B 309 24.85 -7.46 6.31
C ARG B 309 25.25 -7.20 7.76
N ALA B 310 24.98 -5.99 8.24
CA ALA B 310 25.35 -5.58 9.58
C ALA B 310 24.19 -5.38 10.53
N GLY B 311 23.00 -5.08 10.00
CA GLY B 311 21.85 -4.87 10.86
C GLY B 311 20.61 -4.62 10.03
N VAL B 312 19.47 -4.57 10.73
CA VAL B 312 18.17 -4.36 10.10
C VAL B 312 17.45 -3.26 10.87
N LEU B 313 16.88 -2.28 10.16
CA LEU B 313 16.14 -1.21 10.80
C LEU B 313 14.68 -1.51 10.73
N ALA B 314 14.25 -2.59 11.36
CA ALA B 314 12.86 -2.99 11.40
C ALA B 314 12.06 -2.07 12.31
N GLY B 315 10.77 -1.94 12.02
CA GLY B 315 9.91 -1.07 12.79
C GLY B 315 8.94 -0.26 11.97
N HIS B 316 8.92 -0.49 10.66
CA HIS B 316 7.99 0.18 9.76
C HIS B 316 6.89 -0.78 9.36
N ASP B 317 5.64 -0.33 9.52
CA ASP B 317 4.50 -1.21 9.27
C ASP B 317 4.25 -1.42 7.79
N ASN B 318 4.56 -0.43 6.96
CA ASN B 318 4.31 -0.52 5.52
C ASN B 318 5.63 -0.36 4.75
N ARG B 319 5.52 -0.30 3.43
CA ARG B 319 6.69 -0.25 2.56
C ARG B 319 7.49 1.02 2.81
N VAL B 320 8.80 0.86 2.92
CA VAL B 320 9.70 2.01 3.08
C VAL B 320 9.96 2.62 1.71
N SER B 321 9.67 3.92 1.58
CA SER B 321 9.77 4.60 0.30
C SER B 321 10.90 5.60 0.21
N CYS B 322 11.47 6.03 1.34
CA CYS B 322 12.51 7.04 1.33
C CYS B 322 13.41 6.85 2.53
N LEU B 323 14.66 7.29 2.38
CA LEU B 323 15.67 7.15 3.42
C LEU B 323 16.76 8.17 3.17
N GLY B 324 17.31 8.71 4.25
CA GLY B 324 18.36 9.70 4.14
C GLY B 324 19.18 9.76 5.40
N VAL B 325 20.45 10.14 5.24
CA VAL B 325 21.39 10.26 6.35
C VAL B 325 21.86 11.71 6.42
N THR B 326 21.92 12.25 7.64
CA THR B 326 22.29 13.65 7.84
C THR B 326 23.72 13.89 7.38
N ASP B 327 24.01 15.16 7.08
CA ASP B 327 25.35 15.52 6.62
C ASP B 327 26.40 15.24 7.68
N ASP B 328 26.09 15.55 8.94
CA ASP B 328 27.00 15.20 10.03
C ASP B 328 26.97 13.71 10.34
N GLY B 329 26.01 12.96 9.79
CA GLY B 329 25.96 11.53 9.93
C GLY B 329 25.41 11.03 11.25
N MET B 330 24.92 11.92 12.11
CA MET B 330 24.48 11.51 13.44
C MET B 330 23.24 10.62 13.37
N ALA B 331 22.30 10.95 12.49
CA ALA B 331 21.01 10.26 12.48
C ALA B 331 20.62 9.86 11.07
N VAL B 332 19.75 8.86 10.99
CA VAL B 332 19.19 8.36 9.74
C VAL B 332 17.68 8.42 9.85
N ALA B 333 17.04 9.02 8.85
CA ALA B 333 15.59 9.13 8.82
C ALA B 333 15.03 8.19 7.76
N THR B 334 14.04 7.39 8.15
CA THR B 334 13.38 6.46 7.25
C THR B 334 11.90 6.78 7.19
N GLY B 335 11.40 7.05 6.00
CA GLY B 335 9.98 7.27 5.78
C GLY B 335 9.36 6.05 5.13
N SER B 336 8.06 5.88 5.31
CA SER B 336 7.37 4.71 4.80
C SER B 336 5.91 5.05 4.54
N TRP B 337 5.20 4.08 3.96
CA TRP B 337 3.80 4.26 3.60
C TRP B 337 2.86 4.23 4.80
N ASP B 338 3.35 3.90 6.00
CA ASP B 338 2.52 3.91 7.19
C ASP B 338 2.38 5.30 7.80
N SER B 339 2.69 6.35 7.03
CA SER B 339 2.51 7.74 7.41
C SER B 339 3.41 8.17 8.56
N PHE B 340 4.47 7.41 8.84
CA PHE B 340 5.39 7.72 9.93
C PHE B 340 6.80 7.86 9.40
N LEU B 341 7.52 8.84 9.92
CA LEU B 341 8.90 9.09 9.52
C LEU B 341 9.67 8.90 10.79
N LYS B 342 10.55 7.93 10.82
CA LYS B 342 11.29 7.58 12.02
C LYS B 342 12.75 8.02 11.89
N ILE B 343 13.31 8.50 12.99
CA ILE B 343 14.71 8.90 13.06
C ILE B 343 15.48 7.83 13.84
N TRP B 344 16.60 7.39 13.28
CA TRP B 344 17.39 6.32 13.86
C TRP B 344 18.77 6.84 14.24
N ASN B 345 19.36 6.20 15.25
CA ASN B 345 20.69 6.58 15.71
C ASN B 345 21.32 5.45 16.52
N THR C 6 15.39 8.46 -41.77
CA THR C 6 16.79 8.46 -41.39
C THR C 6 16.97 8.69 -39.90
N ALA C 7 15.87 8.55 -39.15
CA ALA C 7 15.93 8.72 -37.70
C ALA C 7 16.70 7.58 -37.05
N SER C 8 16.49 6.34 -37.51
CA SER C 8 17.15 5.20 -36.91
C SER C 8 18.67 5.27 -37.09
N ILE C 9 19.12 5.59 -38.30
CA ILE C 9 20.55 5.67 -38.55
C ILE C 9 21.18 6.83 -37.78
N ALA C 10 20.45 7.95 -37.66
CA ALA C 10 20.96 9.07 -36.88
C ALA C 10 21.10 8.70 -35.41
N GLN C 11 20.09 8.02 -34.85
CA GLN C 11 20.17 7.58 -33.46
C GLN C 11 21.32 6.60 -33.26
N ALA C 12 21.49 5.67 -34.21
CA ALA C 12 22.58 4.71 -34.11
C ALA C 12 23.94 5.40 -34.20
N ARG C 13 24.07 6.40 -35.06
CA ARG C 13 25.32 7.16 -35.14
C ARG C 13 25.60 7.92 -33.85
N LYS C 14 24.55 8.50 -33.25
CA LYS C 14 24.73 9.16 -31.96
C LYS C 14 25.17 8.16 -30.88
N LEU C 15 24.58 6.96 -30.90
CA LEU C 15 24.99 5.93 -29.95
C LEU C 15 26.44 5.52 -30.17
N VAL C 16 26.85 5.41 -31.44
CA VAL C 16 28.24 5.06 -31.76
C VAL C 16 29.19 6.14 -31.25
N GLU C 17 28.82 7.41 -31.45
CA GLU C 17 29.66 8.50 -30.95
C GLU C 17 29.75 8.49 -29.44
N GLN C 18 28.63 8.23 -28.76
CA GLN C 18 28.64 8.14 -27.31
C GLN C 18 29.51 6.99 -26.83
N LEU C 19 29.45 5.84 -27.51
CA LEU C 19 30.27 4.71 -27.13
C LEU C 19 31.75 5.01 -27.35
N LYS C 20 32.07 5.72 -28.44
CA LYS C 20 33.46 6.13 -28.67
C LYS C 20 33.95 7.06 -27.57
N MET C 21 33.11 8.03 -27.18
CA MET C 21 33.50 8.96 -26.11
C MET C 21 33.62 8.24 -24.77
N GLU C 22 32.88 7.16 -24.57
CA GLU C 22 33.06 6.37 -23.36
C GLU C 22 34.32 5.51 -23.41
N ALA C 23 34.67 5.00 -24.59
CA ALA C 23 35.81 4.10 -24.72
C ALA C 23 37.13 4.84 -24.67
N ASN C 24 37.21 6.04 -25.26
CA ASN C 24 38.50 6.71 -25.38
C ASN C 24 39.03 7.26 -24.06
N ILE C 25 38.21 7.25 -22.99
CA ILE C 25 38.69 7.78 -21.71
C ILE C 25 39.64 6.78 -21.05
N ASP C 26 40.45 7.31 -20.13
CA ASP C 26 41.37 6.48 -19.37
C ASP C 26 40.62 5.76 -18.25
N ARG C 27 41.26 4.70 -17.74
CA ARG C 27 40.70 3.90 -16.66
C ARG C 27 41.79 3.58 -15.65
N ILE C 28 41.38 3.38 -14.41
CA ILE C 28 42.30 3.02 -13.34
C ILE C 28 42.10 1.54 -13.03
N LYS C 29 43.06 0.98 -12.32
CA LYS C 29 42.97 -0.43 -11.93
C LYS C 29 42.01 -0.60 -10.76
N VAL C 30 41.29 -1.72 -10.79
CA VAL C 30 40.27 -2.00 -9.78
C VAL C 30 40.91 -2.19 -8.41
N SER C 31 42.11 -2.77 -8.36
CA SER C 31 42.81 -2.86 -7.09
C SER C 31 43.10 -1.48 -6.53
N LYS C 32 43.53 -0.54 -7.39
CA LYS C 32 43.78 0.82 -6.94
C LYS C 32 42.51 1.49 -6.44
N ALA C 33 41.40 1.32 -7.16
CA ALA C 33 40.13 1.91 -6.71
C ALA C 33 39.70 1.33 -5.37
N ALA C 34 39.78 0.04 -5.18
CA ALA C 34 39.36 -0.55 -3.93
C ALA C 34 40.28 -0.13 -2.81
N ALA C 35 41.58 -0.02 -3.08
CA ALA C 35 42.48 0.50 -2.05
C ALA C 35 42.09 1.93 -1.67
N ASP C 36 41.71 2.73 -2.65
CA ASP C 36 41.30 4.11 -2.37
C ASP C 36 40.08 4.14 -1.46
N LEU C 37 39.04 3.37 -1.78
CA LEU C 37 37.85 3.33 -0.94
C LEU C 37 38.16 2.77 0.45
N MET C 38 39.00 1.74 0.53
CA MET C 38 39.37 1.19 1.83
C MET C 38 40.09 2.23 2.68
N ALA C 39 41.03 2.96 2.07
CA ALA C 39 41.74 4.00 2.79
C ALA C 39 40.80 5.11 3.24
N TYR C 40 39.86 5.49 2.39
CA TYR C 40 38.89 6.52 2.77
C TYR C 40 38.05 6.07 3.96
N CYS C 41 37.54 4.84 3.91
CA CYS C 41 36.70 4.34 5.00
C CYS C 41 37.48 4.26 6.29
N GLU C 42 38.74 3.80 6.22
CA GLU C 42 39.54 3.70 7.43
C GLU C 42 40.00 5.06 7.95
N ALA C 43 40.14 6.06 7.08
CA ALA C 43 40.53 7.39 7.53
C ALA C 43 39.35 8.12 8.18
N HIS C 44 38.14 7.90 7.67
CA HIS C 44 36.96 8.58 8.20
C HIS C 44 36.18 7.71 9.18
N ALA C 45 36.74 6.59 9.62
CA ALA C 45 36.03 5.70 10.52
C ALA C 45 35.77 6.36 11.87
N LYS C 46 36.76 7.09 12.40
CA LYS C 46 36.60 7.71 13.71
C LYS C 46 35.50 8.77 13.70
N GLU C 47 35.44 9.58 12.64
CA GLU C 47 34.46 10.65 12.57
C GLU C 47 33.04 10.14 12.43
N ASP C 48 32.85 8.93 11.94
CA ASP C 48 31.51 8.40 11.71
C ASP C 48 30.86 8.04 13.03
N PRO C 49 29.71 8.64 13.38
CA PRO C 49 29.03 8.24 14.62
C PRO C 49 28.20 6.99 14.50
N LEU C 50 27.86 6.56 13.28
CA LEU C 50 27.07 5.34 13.12
C LEU C 50 27.92 4.10 13.38
N LEU C 51 29.17 4.10 12.91
CA LEU C 51 30.05 2.97 13.15
C LEU C 51 30.37 2.84 14.64
N THR C 52 30.82 3.93 15.25
CA THR C 52 31.18 3.94 16.66
C THR C 52 30.09 4.64 17.46
N PRO C 53 29.35 3.94 18.32
CA PRO C 53 28.26 4.59 19.05
C PRO C 53 28.77 5.76 19.89
N VAL C 54 28.01 6.86 19.86
CA VAL C 54 28.37 8.08 20.57
C VAL C 54 27.91 7.98 22.01
N PRO C 55 28.48 8.75 22.94
CA PRO C 55 27.95 8.76 24.31
C PRO C 55 26.51 9.24 24.35
N ALA C 56 25.78 8.78 25.36
CA ALA C 56 24.36 9.07 25.48
C ALA C 56 24.08 10.57 25.55
N SER C 57 25.05 11.38 25.96
CA SER C 57 24.88 12.82 26.01
C SER C 57 25.35 13.52 24.74
N GLU C 58 26.15 12.86 23.91
CA GLU C 58 26.67 13.50 22.71
C GLU C 58 25.61 13.62 21.62
N ASN C 59 24.81 12.58 21.43
CA ASN C 59 23.84 12.58 20.34
C ASN C 59 22.70 13.55 20.64
N PRO C 60 22.38 14.47 19.72
CA PRO C 60 21.26 15.39 19.97
C PRO C 60 19.91 14.71 20.05
N PHE C 61 19.78 13.48 19.53
CA PHE C 61 18.51 12.79 19.52
C PHE C 61 18.29 11.94 20.77
N ARG C 62 19.28 11.84 21.65
CA ARG C 62 19.19 11.16 22.96
C ARG C 62 18.33 9.91 22.96
N GLN D 2 25.87 -6.73 -18.64
CA GLN D 2 24.81 -6.04 -19.35
C GLN D 2 23.71 -7.00 -19.76
N VAL D 3 22.47 -6.51 -19.81
CA VAL D 3 21.31 -7.30 -20.18
C VAL D 3 21.07 -7.10 -21.67
N GLN D 4 21.10 -8.19 -22.44
CA GLN D 4 20.88 -8.13 -23.87
C GLN D 4 20.19 -9.40 -24.33
N LEU D 5 19.40 -9.28 -25.39
CA LEU D 5 18.65 -10.39 -25.96
C LEU D 5 18.87 -10.42 -27.46
N GLN D 6 19.28 -11.58 -27.97
CA GLN D 6 19.57 -11.77 -29.39
C GLN D 6 18.76 -12.95 -29.91
N GLU D 7 17.84 -12.69 -30.84
CA GLU D 7 17.04 -13.74 -31.43
C GLU D 7 17.81 -14.41 -32.57
N SER D 8 17.21 -15.49 -33.09
CA SER D 8 17.78 -16.22 -34.22
C SER D 8 16.64 -16.62 -35.14
N GLY D 9 16.92 -17.50 -36.09
CA GLY D 9 15.90 -17.90 -37.02
C GLY D 9 15.57 -16.79 -38.02
N GLY D 10 14.42 -16.94 -38.65
CA GLY D 10 13.97 -15.97 -39.63
C GLY D 10 14.49 -16.25 -41.03
N GLY D 11 13.87 -15.61 -42.00
CA GLY D 11 14.22 -15.77 -43.39
C GLY D 11 12.98 -15.78 -44.24
N LEU D 12 13.12 -16.31 -45.46
CA LEU D 12 12.02 -16.42 -46.41
C LEU D 12 11.49 -17.85 -46.40
N VAL D 13 10.20 -18.00 -46.13
CA VAL D 13 9.56 -19.31 -46.07
C VAL D 13 8.20 -19.23 -46.76
N GLN D 14 7.83 -20.31 -47.46
CA GLN D 14 6.55 -20.37 -48.12
C GLN D 14 5.43 -20.54 -47.08
N PRO D 15 4.19 -20.18 -47.45
CA PRO D 15 3.08 -20.41 -46.52
C PRO D 15 2.94 -21.88 -46.16
N GLY D 16 2.61 -22.13 -44.90
CA GLY D 16 2.56 -23.48 -44.37
C GLY D 16 3.88 -24.02 -43.87
N GLY D 17 4.97 -23.25 -44.00
CA GLY D 17 6.26 -23.69 -43.54
C GLY D 17 6.42 -23.57 -42.03
N SER D 18 7.60 -23.96 -41.57
CA SER D 18 7.93 -23.94 -40.16
C SER D 18 9.28 -23.27 -39.93
N LEU D 19 9.39 -22.56 -38.82
CA LEU D 19 10.63 -21.87 -38.45
C LEU D 19 10.87 -22.04 -36.96
N ARG D 20 12.13 -21.91 -36.57
CA ARG D 20 12.54 -21.95 -35.16
C ARG D 20 13.16 -20.62 -34.80
N LEU D 21 12.55 -19.90 -33.87
CA LEU D 21 13.04 -18.62 -33.40
C LEU D 21 13.64 -18.81 -32.01
N SER D 22 14.96 -18.74 -31.91
CA SER D 22 15.67 -18.93 -30.65
C SER D 22 16.25 -17.60 -30.21
N CYS D 23 15.98 -17.23 -28.96
CA CYS D 23 16.45 -15.97 -28.38
C CYS D 23 17.46 -16.28 -27.28
N ALA D 24 18.65 -15.70 -27.38
CA ALA D 24 19.72 -15.92 -26.42
C ALA D 24 19.72 -14.79 -25.40
N ALA D 25 19.77 -15.15 -24.13
CA ALA D 25 19.75 -14.19 -23.03
C ALA D 25 21.04 -14.27 -22.25
N SER D 26 21.59 -13.10 -21.89
CA SER D 26 22.82 -13.03 -21.12
C SER D 26 22.75 -11.84 -20.17
N GLY D 27 23.52 -11.91 -19.10
CA GLY D 27 23.62 -10.83 -18.14
C GLY D 27 22.58 -10.84 -17.05
N PHE D 28 21.67 -11.80 -17.03
CA PHE D 28 20.67 -11.87 -15.97
C PHE D 28 20.25 -13.32 -15.77
N THR D 29 19.44 -13.54 -14.74
CA THR D 29 18.93 -14.87 -14.43
C THR D 29 17.71 -15.16 -15.29
N PHE D 30 17.80 -16.17 -16.15
CA PHE D 30 16.72 -16.46 -17.08
C PHE D 30 15.51 -17.05 -16.36
N SER D 31 15.74 -17.79 -15.27
CA SER D 31 14.64 -18.50 -14.62
C SER D 31 13.70 -17.56 -13.86
N ASN D 32 14.23 -16.47 -13.32
CA ASN D 32 13.41 -15.61 -12.46
C ASN D 32 12.36 -14.83 -13.25
N TYR D 33 12.64 -14.49 -14.50
CA TYR D 33 11.81 -13.58 -15.26
C TYR D 33 10.92 -14.34 -16.23
N LYS D 34 9.74 -13.80 -16.49
CA LYS D 34 8.86 -14.39 -17.50
C LYS D 34 9.41 -13.94 -18.82
N MET D 35 8.96 -14.53 -19.90
CA MET D 35 9.39 -14.19 -21.25
C MET D 35 8.19 -14.07 -22.17
N ASN D 36 8.30 -13.16 -23.13
CA ASN D 36 7.21 -12.85 -24.05
C ASN D 36 7.77 -12.76 -25.47
N TRP D 37 6.88 -12.92 -26.43
CA TRP D 37 7.19 -12.71 -27.84
C TRP D 37 6.26 -11.65 -28.39
N VAL D 38 6.81 -10.70 -29.13
CA VAL D 38 6.02 -9.62 -29.68
C VAL D 38 6.49 -9.47 -31.10
N ARG D 39 5.67 -8.94 -31.97
CA ARG D 39 5.99 -8.79 -33.38
C ARG D 39 5.46 -7.44 -33.89
N GLN D 40 6.10 -6.94 -34.95
CA GLN D 40 5.73 -5.66 -35.55
C GLN D 40 5.45 -5.88 -37.02
N ALA D 41 4.17 -5.98 -37.38
CA ALA D 41 3.79 -6.07 -38.78
C ALA D 41 4.10 -4.75 -39.48
N PRO D 42 4.34 -4.78 -40.79
CA PRO D 42 4.62 -3.53 -41.52
C PRO D 42 3.47 -2.55 -41.40
N GLY D 43 3.78 -1.36 -40.86
CA GLY D 43 2.78 -0.33 -40.68
C GLY D 43 1.89 -0.50 -39.47
N LYS D 44 2.20 -1.46 -38.59
CA LYS D 44 1.39 -1.73 -37.41
C LYS D 44 2.24 -1.64 -36.16
N GLY D 45 1.58 -1.51 -35.01
CA GLY D 45 2.26 -1.48 -33.74
C GLY D 45 2.63 -2.87 -33.27
N LEU D 46 3.33 -2.90 -32.13
CA LEU D 46 3.78 -4.18 -31.58
C LEU D 46 2.59 -4.98 -31.08
N GLU D 47 2.55 -6.26 -31.44
CA GLU D 47 1.47 -7.16 -31.04
C GLU D 47 2.06 -8.30 -30.22
N TRP D 48 1.55 -8.53 -29.01
CA TRP D 48 2.02 -9.61 -28.19
C TRP D 48 1.63 -10.90 -28.85
N VAL D 49 2.54 -11.85 -28.90
CA VAL D 49 2.29 -13.14 -29.53
C VAL D 49 2.11 -14.26 -28.56
N SER D 50 3.03 -14.45 -27.63
CA SER D 50 2.95 -15.57 -26.70
C SER D 50 3.58 -15.16 -25.37
N ASP D 51 3.52 -16.06 -24.39
CA ASP D 51 4.02 -15.76 -23.06
C ASP D 51 4.33 -17.07 -22.35
N ILE D 52 5.30 -17.06 -21.45
CA ILE D 52 5.64 -18.26 -20.68
C ILE D 52 6.01 -17.85 -19.25
N SER D 53 5.68 -18.70 -18.27
CA SER D 53 5.98 -18.39 -16.89
C SER D 53 7.37 -18.90 -16.52
N GLN D 54 7.72 -18.76 -15.23
CA GLN D 54 9.06 -19.14 -14.79
C GLN D 54 9.28 -20.65 -14.94
N SER D 55 8.32 -21.45 -14.51
CA SER D 55 8.47 -22.90 -14.58
C SER D 55 8.14 -23.46 -15.96
N GLY D 56 7.53 -22.66 -16.83
CA GLY D 56 7.11 -23.12 -18.14
C GLY D 56 5.75 -23.78 -18.16
N ALA D 57 5.10 -23.94 -17.01
CA ALA D 57 3.79 -24.59 -16.97
C ALA D 57 2.72 -23.70 -17.58
N SER D 58 2.75 -22.40 -17.27
CA SER D 58 1.72 -21.47 -17.74
C SER D 58 2.18 -20.85 -19.06
N ILE D 59 1.46 -21.17 -20.14
CA ILE D 59 1.73 -20.63 -21.46
C ILE D 59 0.44 -20.07 -22.02
N SER D 60 0.52 -18.88 -22.63
CA SER D 60 -0.62 -18.24 -23.25
C SER D 60 -0.23 -17.76 -24.64
N TYR D 61 -1.21 -17.76 -25.54
CA TYR D 61 -0.98 -17.39 -26.92
C TYR D 61 -2.05 -16.42 -27.39
N THR D 62 -1.69 -15.60 -28.36
CA THR D 62 -2.66 -14.75 -29.03
C THR D 62 -3.64 -15.60 -29.83
N GLY D 63 -4.87 -15.11 -29.95
CA GLY D 63 -5.90 -15.87 -30.66
C GLY D 63 -5.55 -16.13 -32.11
N SER D 64 -4.87 -15.19 -32.77
CA SER D 64 -4.50 -15.39 -34.17
C SER D 64 -3.55 -16.56 -34.33
N VAL D 65 -2.59 -16.72 -33.41
CA VAL D 65 -1.56 -17.74 -33.52
C VAL D 65 -1.85 -18.94 -32.62
N LYS D 66 -3.02 -18.97 -31.97
CA LYS D 66 -3.34 -20.07 -31.08
C LYS D 66 -3.52 -21.36 -31.87
N GLY D 67 -2.93 -22.45 -31.36
CA GLY D 67 -3.01 -23.74 -31.99
C GLY D 67 -1.87 -24.07 -32.92
N ARG D 68 -1.10 -23.07 -33.33
CA ARG D 68 0.01 -23.29 -34.25
C ARG D 68 1.37 -22.99 -33.62
N PHE D 69 1.53 -21.81 -33.03
CA PHE D 69 2.78 -21.45 -32.37
C PHE D 69 2.94 -22.23 -31.07
N THR D 70 4.17 -22.64 -30.80
CA THR D 70 4.51 -23.29 -29.55
C THR D 70 5.72 -22.59 -28.95
N ILE D 71 5.62 -22.23 -27.67
CA ILE D 71 6.68 -21.50 -26.98
C ILE D 71 7.32 -22.44 -25.97
N SER D 72 8.65 -22.46 -25.95
CA SER D 72 9.41 -23.33 -25.05
C SER D 72 10.55 -22.55 -24.43
N ARG D 73 10.81 -22.81 -23.17
CA ARG D 73 11.87 -22.13 -22.46
C ARG D 73 12.88 -23.13 -21.93
N ASP D 74 14.16 -22.90 -22.18
CA ASP D 74 15.25 -23.77 -21.75
C ASP D 74 16.04 -23.02 -20.69
N ASN D 75 15.73 -23.29 -19.42
CA ASN D 75 16.39 -22.57 -18.33
C ASN D 75 17.88 -22.87 -18.27
N ALA D 76 18.27 -24.13 -18.50
CA ALA D 76 19.67 -24.50 -18.38
C ALA D 76 20.52 -23.79 -19.43
N LYS D 77 20.02 -23.69 -20.66
CA LYS D 77 20.77 -23.08 -21.75
C LYS D 77 20.52 -21.58 -21.88
N ASN D 78 19.65 -21.00 -21.05
CA ASN D 78 19.35 -19.57 -21.07
C ASN D 78 18.89 -19.13 -22.46
N THR D 79 17.97 -19.90 -23.05
CA THR D 79 17.44 -19.60 -24.36
C THR D 79 15.94 -19.87 -24.37
N LEU D 80 15.26 -19.20 -25.29
CA LEU D 80 13.80 -19.31 -25.43
C LEU D 80 13.48 -19.56 -26.90
N TYR D 81 12.49 -20.42 -27.14
CA TYR D 81 12.14 -20.83 -28.50
C TYR D 81 10.69 -20.48 -28.82
N LEU D 82 10.41 -20.39 -30.12
CA LEU D 82 9.04 -20.18 -30.61
C LEU D 82 8.89 -20.97 -31.91
N GLN D 83 8.26 -22.14 -31.83
CA GLN D 83 8.01 -22.98 -32.99
C GLN D 83 6.82 -22.43 -33.77
N MET D 84 7.07 -21.97 -34.99
CA MET D 84 6.03 -21.38 -35.84
C MET D 84 5.57 -22.42 -36.85
N ASN D 85 4.69 -23.30 -36.40
CA ASN D 85 4.14 -24.34 -37.26
C ASN D 85 3.01 -23.80 -38.12
N SER D 86 2.97 -24.22 -39.38
CA SER D 86 1.87 -23.93 -40.30
C SER D 86 1.58 -22.43 -40.37
N LEU D 87 2.63 -21.63 -40.48
CA LEU D 87 2.47 -20.19 -40.57
C LEU D 87 1.89 -19.79 -41.93
N LYS D 88 1.38 -18.56 -41.98
CA LYS D 88 0.71 -18.00 -43.14
C LYS D 88 1.30 -16.65 -43.46
N PRO D 89 1.10 -16.14 -44.68
CA PRO D 89 1.66 -14.82 -45.04
C PRO D 89 1.18 -13.68 -44.17
N GLU D 90 0.12 -13.88 -43.38
CA GLU D 90 -0.31 -12.86 -42.43
C GLU D 90 0.67 -12.69 -41.27
N ASP D 91 1.66 -13.58 -41.15
CA ASP D 91 2.58 -13.59 -40.02
C ASP D 91 3.87 -12.82 -40.28
N THR D 92 3.99 -12.14 -41.43
CA THR D 92 5.21 -11.41 -41.76
C THR D 92 5.39 -10.24 -40.79
N ALA D 93 6.41 -10.32 -39.94
CA ALA D 93 6.69 -9.27 -38.96
C ALA D 93 8.10 -9.46 -38.44
N VAL D 94 8.51 -8.56 -37.54
CA VAL D 94 9.80 -8.63 -36.87
C VAL D 94 9.55 -9.04 -35.43
N TYR D 95 10.10 -10.19 -35.04
CA TYR D 95 9.81 -10.79 -33.75
C TYR D 95 10.85 -10.36 -32.72
N TYR D 96 10.38 -9.98 -31.54
CA TYR D 96 11.23 -9.55 -30.44
C TYR D 96 10.98 -10.45 -29.24
N CYS D 97 12.05 -10.89 -28.59
CA CYS D 97 11.93 -11.57 -27.30
C CYS D 97 12.12 -10.53 -26.20
N ALA D 98 11.15 -10.43 -25.31
CA ALA D 98 11.14 -9.38 -24.30
C ALA D 98 10.78 -9.99 -22.95
N ARG D 99 11.70 -9.88 -22.01
CA ARG D 99 11.42 -10.37 -20.68
C ARG D 99 10.55 -9.39 -20.00
N CYS D 100 9.96 -9.81 -18.91
CA CYS D 100 9.18 -8.88 -18.12
C CYS D 100 10.08 -8.14 -17.13
N PRO D 101 9.75 -6.89 -16.80
CA PRO D 101 10.69 -6.03 -16.06
C PRO D 101 11.14 -6.59 -14.72
N ALA D 102 10.21 -6.89 -13.86
CA ALA D 102 10.67 -7.31 -12.55
C ALA D 102 10.63 -8.83 -12.42
N PRO D 103 11.55 -9.41 -11.67
CA PRO D 103 11.53 -10.86 -11.45
C PRO D 103 10.44 -11.27 -10.47
N PHE D 104 10.09 -12.56 -10.53
CA PHE D 104 9.13 -13.16 -9.60
C PHE D 104 7.77 -12.46 -9.65
N THR D 105 7.38 -12.02 -10.84
CA THR D 105 6.14 -11.29 -11.02
C THR D 105 5.25 -11.98 -12.05
N ARG D 106 3.95 -11.95 -11.79
CA ARG D 106 2.95 -12.49 -12.70
C ARG D 106 2.41 -11.45 -13.67
N ASP D 107 2.88 -10.22 -13.59
CA ASP D 107 2.43 -9.14 -14.45
C ASP D 107 3.58 -8.66 -15.33
N CYS D 108 3.23 -8.20 -16.53
CA CYS D 108 4.20 -7.68 -17.50
C CYS D 108 3.56 -6.45 -18.14
N PHE D 109 3.88 -5.26 -17.59
CA PHE D 109 3.17 -4.06 -17.99
C PHE D 109 3.58 -3.59 -19.38
N ASP D 110 4.86 -3.25 -19.56
CA ASP D 110 5.30 -2.50 -20.72
C ASP D 110 6.15 -3.32 -21.68
N VAL D 111 5.80 -4.58 -21.90
CA VAL D 111 6.57 -5.44 -22.78
C VAL D 111 6.37 -5.03 -24.22
N THR D 112 5.23 -4.44 -24.53
CA THR D 112 4.95 -4.06 -25.91
C THR D 112 5.14 -2.57 -26.15
N SER D 113 5.72 -1.86 -25.19
CA SER D 113 5.87 -0.40 -25.32
C SER D 113 6.86 -0.03 -26.39
N THR D 114 6.75 1.15 -26.96
CA THR D 114 7.60 1.49 -28.09
C THR D 114 9.09 1.45 -27.81
N THR D 115 9.49 1.93 -26.65
CA THR D 115 10.91 1.98 -26.31
C THR D 115 11.35 0.98 -25.26
N TYR D 116 10.56 -0.06 -25.00
CA TYR D 116 10.89 -1.01 -23.95
C TYR D 116 12.36 -1.30 -23.88
N ALA D 117 12.90 -1.23 -22.69
CA ALA D 117 14.34 -1.35 -22.50
C ALA D 117 14.84 -2.78 -22.68
N TYR D 118 14.05 -3.76 -22.23
CA TYR D 118 14.50 -5.15 -22.14
C TYR D 118 14.00 -6.00 -23.31
N ARG D 119 13.96 -5.41 -24.50
CA ARG D 119 13.57 -6.19 -25.67
C ARG D 119 14.81 -6.69 -26.40
N GLY D 120 14.63 -7.17 -27.62
CA GLY D 120 15.74 -7.63 -28.43
C GLY D 120 15.89 -6.78 -29.68
N GLN D 121 16.94 -7.04 -30.43
CA GLN D 121 17.18 -6.24 -31.61
C GLN D 121 16.13 -6.57 -32.67
N GLY D 122 15.82 -7.86 -32.83
CA GLY D 122 14.79 -8.22 -33.78
C GLY D 122 15.23 -9.19 -34.86
N THR D 123 14.31 -10.06 -35.28
CA THR D 123 14.56 -11.02 -36.34
C THR D 123 13.50 -10.84 -37.42
N GLN D 124 13.95 -10.59 -38.65
CA GLN D 124 13.03 -10.37 -39.76
C GLN D 124 12.50 -11.71 -40.27
N VAL D 125 11.20 -11.88 -40.21
CA VAL D 125 10.54 -13.08 -40.72
C VAL D 125 9.59 -12.64 -41.83
N THR D 126 9.85 -13.10 -43.04
CA THR D 126 9.04 -12.75 -44.20
C THR D 126 8.47 -14.02 -44.83
N VAL D 127 7.24 -13.94 -45.31
CA VAL D 127 6.53 -15.08 -45.89
C VAL D 127 5.94 -14.65 -47.23
N SER D 128 6.18 -15.45 -48.27
CA SER D 128 5.64 -15.16 -49.59
C SER D 128 4.89 -16.37 -50.16
N SER E 19 -18.78 -25.99 53.21
CA SER E 19 -17.58 -26.68 53.65
C SER E 19 -16.37 -25.80 53.47
N ASN E 20 -15.39 -25.91 54.36
CA ASN E 20 -14.21 -25.06 54.29
C ASN E 20 -13.32 -25.38 53.11
N ASP E 21 -13.22 -26.65 52.78
CA ASP E 21 -12.35 -27.05 51.69
C ASP E 21 -12.89 -26.60 50.35
N VAL E 22 -14.21 -26.63 50.18
CA VAL E 22 -14.80 -26.17 48.95
C VAL E 22 -14.88 -24.65 48.94
N ARG E 23 -14.91 -24.03 50.12
CA ARG E 23 -14.90 -22.58 50.20
C ARG E 23 -13.66 -22.17 49.48
N ALA E 24 -12.57 -22.87 49.77
CA ALA E 24 -11.28 -22.55 49.17
C ALA E 24 -11.31 -22.70 47.65
N SER E 25 -11.96 -23.76 47.16
CA SER E 25 -12.04 -23.98 45.71
C SER E 25 -12.81 -22.86 45.02
N LEU E 26 -13.97 -22.49 45.56
CA LEU E 26 -14.74 -21.40 44.98
C LEU E 26 -13.99 -20.08 45.07
N TYR E 27 -13.31 -19.82 46.19
CA TYR E 27 -12.53 -18.59 46.29
C TYR E 27 -11.42 -18.56 45.25
N SER E 28 -10.73 -19.68 45.04
CA SER E 28 -9.68 -19.75 44.02
C SER E 28 -10.26 -19.49 42.63
N LEU E 29 -11.41 -20.09 42.32
CA LEU E 29 -12.03 -19.88 41.02
C LEU E 29 -12.41 -18.42 40.82
N MET E 30 -12.98 -17.80 41.85
CA MET E 30 -13.43 -16.41 41.72
C MET E 30 -12.24 -15.45 41.62
N VAL E 31 -11.15 -15.75 42.34
CA VAL E 31 -9.94 -14.95 42.20
C VAL E 31 -9.34 -15.10 40.80
N LEU E 32 -9.38 -16.32 40.25
CA LEU E 32 -8.92 -16.51 38.88
C LEU E 32 -9.76 -15.68 37.91
N ILE E 33 -11.07 -15.66 38.11
CA ILE E 33 -11.95 -14.84 37.27
C ILE E 33 -11.58 -13.37 37.39
N ILE E 34 -11.35 -12.90 38.62
CA ILE E 34 -11.00 -11.49 38.81
C ILE E 34 -9.71 -11.15 38.07
N LEU E 35 -8.69 -12.00 38.23
CA LEU E 35 -7.41 -11.73 37.59
C LEU E 35 -7.51 -11.76 36.07
N THR E 36 -8.22 -12.73 35.49
CA THR E 36 -8.30 -12.75 34.03
C THR E 36 -9.08 -11.54 33.51
N THR E 37 -10.18 -11.18 34.18
CA THR E 37 -10.93 -9.99 33.79
C THR E 37 -10.04 -8.75 33.82
N LEU E 38 -9.34 -8.55 34.95
CA LEU E 38 -8.52 -7.36 35.11
C LEU E 38 -7.40 -7.31 34.09
N VAL E 39 -6.72 -8.44 33.87
CA VAL E 39 -5.58 -8.42 32.95
C VAL E 39 -6.05 -8.18 31.52
N GLY E 40 -7.14 -8.81 31.10
CA GLY E 40 -7.63 -8.58 29.75
C GLY E 40 -8.04 -7.14 29.54
N ASN E 41 -8.81 -6.58 30.48
CA ASN E 41 -9.24 -5.19 30.36
C ASN E 41 -8.05 -4.24 30.36
N LEU E 42 -7.09 -4.46 31.25
CA LEU E 42 -5.93 -3.57 31.32
C LEU E 42 -5.12 -3.63 30.03
N ILE E 43 -4.93 -4.83 29.47
CA ILE E 43 -4.19 -4.94 28.21
C ILE E 43 -4.91 -4.19 27.11
N VAL E 44 -6.24 -4.35 27.01
CA VAL E 44 -6.98 -3.66 25.96
C VAL E 44 -6.84 -2.15 26.11
N ILE E 45 -7.01 -1.66 27.35
CA ILE E 45 -6.95 -0.22 27.59
C ILE E 45 -5.58 0.33 27.23
N VAL E 46 -4.51 -0.31 27.72
CA VAL E 46 -3.18 0.23 27.49
C VAL E 46 -2.82 0.16 26.01
N SER E 47 -3.22 -0.94 25.33
CA SER E 47 -2.94 -1.05 23.91
C SER E 47 -3.60 0.08 23.13
N ILE E 48 -4.90 0.28 23.36
CA ILE E 48 -5.62 1.32 22.61
C ILE E 48 -5.06 2.70 22.93
N SER E 49 -4.57 2.91 24.15
CA SER E 49 -3.92 4.20 24.48
C SER E 49 -2.54 4.46 23.83
N HIS E 50 -1.55 3.62 24.09
CA HIS E 50 -0.19 3.81 23.58
C HIS E 50 0.05 3.66 22.08
N PHE E 51 -0.56 2.67 21.44
CA PHE E 51 -0.25 2.41 20.02
C PHE E 51 -0.51 3.56 19.07
N LYS E 52 -1.59 4.30 19.28
CA LYS E 52 -1.92 5.47 18.44
C LYS E 52 -2.35 5.10 17.02
N GLN E 53 -2.30 3.82 16.71
CA GLN E 53 -2.74 3.35 15.41
C GLN E 53 -4.12 2.76 15.66
N LEU E 54 -4.48 2.62 16.94
CA LEU E 54 -5.78 2.08 17.25
C LEU E 54 -6.63 3.20 17.80
N HIS E 55 -6.56 4.38 17.19
CA HIS E 55 -7.29 5.54 17.72
C HIS E 55 -8.49 5.85 16.92
N THR E 56 -8.95 4.89 16.14
CA THR E 56 -10.11 5.10 15.30
C THR E 56 -11.30 5.28 16.20
N PRO E 57 -12.33 5.93 15.69
CA PRO E 57 -13.42 6.19 16.62
C PRO E 57 -13.99 4.93 17.25
N THR E 58 -14.11 3.83 16.51
CA THR E 58 -14.59 2.58 17.07
C THR E 58 -13.75 2.06 18.20
N ASN E 59 -12.45 1.98 18.02
CA ASN E 59 -11.60 1.38 19.02
C ASN E 59 -11.77 2.15 20.30
N TRP E 60 -12.26 3.36 20.22
CA TRP E 60 -12.58 4.16 21.40
C TRP E 60 -13.75 3.56 22.17
N LEU E 61 -14.78 3.09 21.46
CA LEU E 61 -15.86 2.38 22.14
C LEU E 61 -15.35 1.11 22.81
N ILE E 62 -14.46 0.38 22.14
CA ILE E 62 -13.91 -0.83 22.73
C ILE E 62 -13.14 -0.52 24.00
N HIS E 63 -12.35 0.56 23.96
CA HIS E 63 -11.60 0.99 25.15
C HIS E 63 -12.52 1.42 26.28
N SER E 64 -13.61 2.11 25.95
CA SER E 64 -14.57 2.50 26.98
C SER E 64 -15.23 1.27 27.62
N MET E 65 -15.60 0.29 26.80
CA MET E 65 -16.15 -0.94 27.36
C MET E 65 -15.12 -1.66 28.21
N ALA E 66 -13.86 -1.64 27.77
CA ALA E 66 -12.79 -2.27 28.54
C ALA E 66 -12.62 -1.61 29.90
N THR E 67 -12.70 -0.28 29.96
CA THR E 67 -12.54 0.37 31.26
C THR E 67 -13.78 0.17 32.12
N VAL E 68 -14.98 0.06 31.56
CA VAL E 68 -16.15 -0.23 32.41
C VAL E 68 -15.91 -1.56 33.08
N ASP E 69 -15.58 -2.56 32.28
CA ASP E 69 -15.33 -3.89 32.77
C ASP E 69 -14.16 -4.00 33.75
N PHE E 70 -13.08 -3.24 33.53
CA PHE E 70 -11.94 -3.26 34.46
C PHE E 70 -12.33 -2.77 35.84
N LEU E 71 -13.12 -1.72 35.90
CA LEU E 71 -13.59 -1.21 37.19
C LEU E 71 -14.45 -2.25 37.84
N LEU E 72 -15.28 -2.91 37.04
CA LEU E 72 -16.15 -3.94 37.57
C LEU E 72 -15.29 -5.01 38.22
N GLY E 73 -14.11 -5.27 37.65
CA GLY E 73 -13.25 -6.29 38.20
C GLY E 73 -12.70 -5.97 39.57
N CYS E 74 -12.26 -4.73 39.78
CA CYS E 74 -11.74 -4.32 41.08
C CYS E 74 -12.75 -3.73 42.05
N LEU E 75 -13.62 -2.85 41.58
CA LEU E 75 -14.56 -2.18 42.47
C LEU E 75 -15.73 -3.03 42.94
N VAL E 76 -16.25 -3.91 42.10
CA VAL E 76 -17.42 -4.69 42.50
C VAL E 76 -17.15 -6.16 42.76
N MET E 77 -16.52 -6.85 41.81
CA MET E 77 -16.29 -8.31 41.95
C MET E 77 -15.67 -8.87 43.25
N PRO E 78 -14.70 -8.17 43.89
CA PRO E 78 -14.21 -8.80 45.12
C PRO E 78 -15.27 -8.92 46.21
N TYR E 79 -16.15 -7.95 46.35
CA TYR E 79 -17.18 -8.00 47.38
C TYR E 79 -18.24 -8.94 46.90
N SER E 80 -18.39 -9.08 45.61
CA SER E 80 -19.27 -10.08 45.02
C SER E 80 -18.95 -11.48 45.51
N MET E 81 -17.68 -11.84 45.62
CA MET E 81 -17.36 -13.18 46.09
C MET E 81 -17.65 -13.32 47.57
N VAL E 82 -17.37 -12.27 48.36
CA VAL E 82 -17.61 -12.40 49.79
C VAL E 82 -19.11 -12.43 50.10
N ARG E 83 -19.95 -11.91 49.21
CA ARG E 83 -21.39 -12.08 49.41
C ARG E 83 -21.94 -13.32 48.72
N SER E 84 -21.25 -13.83 47.70
CA SER E 84 -21.66 -15.09 47.08
C SER E 84 -21.41 -16.26 48.02
N ALA E 85 -20.22 -16.33 48.59
CA ALA E 85 -19.97 -17.24 49.70
C ALA E 85 -20.81 -16.78 50.88
N GLU E 86 -21.86 -17.53 51.19
CA GLU E 86 -22.92 -17.05 52.08
C GLU E 86 -22.34 -16.65 53.43
N HIS E 87 -22.34 -15.34 53.70
CA HIS E 87 -21.75 -14.79 54.91
C HIS E 87 -22.50 -13.52 55.26
N CYS E 88 -22.40 -13.12 56.53
CA CYS E 88 -22.90 -11.83 56.93
C CYS E 88 -22.08 -10.73 56.28
N TRP E 89 -22.75 -9.68 55.81
CA TRP E 89 -22.05 -8.56 55.15
C TRP E 89 -21.18 -7.85 56.17
N TYR E 90 -19.88 -8.08 56.10
CA TYR E 90 -18.96 -7.48 57.06
C TYR E 90 -18.94 -5.97 56.96
N PHE E 91 -19.14 -5.45 55.75
CA PHE E 91 -19.14 -4.03 55.53
C PHE E 91 -20.44 -3.37 56.00
N GLY E 92 -20.48 -2.05 55.98
CA GLY E 92 -21.64 -1.34 56.49
C GLY E 92 -22.82 -1.39 55.53
N GLU E 93 -23.97 -0.97 56.05
CA GLU E 93 -25.18 -0.91 55.22
C GLU E 93 -25.05 0.14 54.14
N VAL E 94 -24.46 1.28 54.46
CA VAL E 94 -24.26 2.33 53.46
C VAL E 94 -23.34 1.84 52.35
N PHE E 95 -22.37 1.01 52.74
CA PHE E 95 -21.49 0.41 51.73
C PHE E 95 -22.22 -0.58 50.81
N CYS E 96 -23.04 -1.50 51.33
CA CYS E 96 -23.72 -2.40 50.38
C CYS E 96 -24.68 -1.63 49.49
N LYS E 97 -25.29 -0.57 50.00
CA LYS E 97 -26.13 0.24 49.14
C LYS E 97 -25.28 0.78 48.01
N ILE E 98 -24.11 1.34 48.35
CA ILE E 98 -23.21 1.86 47.34
C ILE E 98 -22.71 0.76 46.42
N HIS E 99 -22.38 -0.40 46.99
CA HIS E 99 -21.90 -1.52 46.20
C HIS E 99 -22.98 -2.05 45.27
N THR E 100 -24.21 -2.17 45.77
CA THR E 100 -25.30 -2.61 44.90
C THR E 100 -25.51 -1.64 43.76
N SER E 101 -25.51 -0.34 44.05
CA SER E 101 -25.68 0.65 43.00
C SER E 101 -24.54 0.62 42.00
N THR E 102 -23.31 0.43 42.48
CA THR E 102 -22.16 0.39 41.59
C THR E 102 -22.22 -0.84 40.69
N ASP E 103 -22.59 -1.99 41.24
CA ASP E 103 -22.72 -3.21 40.44
C ASP E 103 -23.77 -3.00 39.34
N ILE E 104 -24.94 -2.50 39.71
CA ILE E 104 -25.97 -2.28 38.71
C ILE E 104 -25.49 -1.29 37.65
N MET E 105 -24.80 -0.26 38.09
CA MET E 105 -24.32 0.74 37.16
C MET E 105 -23.35 0.17 36.18
N LEU E 106 -22.42 -0.64 36.64
CA LEU E 106 -21.37 -1.11 35.75
C LEU E 106 -21.86 -2.22 34.84
N SER E 107 -22.75 -3.10 35.34
CA SER E 107 -23.35 -4.10 34.46
C SER E 107 -24.15 -3.43 33.36
N SER E 108 -24.99 -2.46 33.71
CA SER E 108 -25.78 -1.77 32.70
C SER E 108 -24.88 -1.02 31.72
N ALA E 109 -23.81 -0.41 32.21
CA ALA E 109 -22.89 0.30 31.32
C ALA E 109 -22.23 -0.64 30.34
N SER E 110 -21.78 -1.81 30.79
CA SER E 110 -21.21 -2.80 29.87
C SER E 110 -22.24 -3.19 28.82
N ILE E 111 -23.46 -3.50 29.21
CA ILE E 111 -24.45 -3.93 28.24
C ILE E 111 -24.74 -2.81 27.24
N PHE E 112 -24.79 -1.57 27.73
CA PHE E 112 -25.00 -0.42 26.84
C PHE E 112 -23.85 -0.29 25.85
N HIS E 113 -22.62 -0.50 26.32
CA HIS E 113 -21.47 -0.44 25.41
C HIS E 113 -21.53 -1.55 24.37
N LEU E 114 -21.97 -2.74 24.76
CA LEU E 114 -22.18 -3.80 23.78
C LEU E 114 -23.18 -3.38 22.72
N SER E 115 -24.30 -2.78 23.13
CA SER E 115 -25.30 -2.33 22.17
C SER E 115 -24.73 -1.26 21.24
N PHE E 116 -23.93 -0.34 21.78
CA PHE E 116 -23.37 0.72 20.95
C PHE E 116 -22.34 0.17 19.97
N ILE E 117 -21.55 -0.82 20.40
CA ILE E 117 -20.62 -1.47 19.48
C ILE E 117 -21.39 -2.18 18.36
N SER E 118 -22.50 -2.81 18.70
CA SER E 118 -23.34 -3.44 17.68
C SER E 118 -23.86 -2.40 16.69
N ILE E 119 -24.28 -1.25 17.19
CA ILE E 119 -24.78 -0.18 16.30
C ILE E 119 -23.66 0.32 15.39
N ASP E 120 -22.45 0.47 15.94
CA ASP E 120 -21.31 0.87 15.12
C ASP E 120 -21.04 -0.15 14.03
N ARG E 121 -21.10 -1.44 14.37
CA ARG E 121 -20.91 -2.49 13.38
C ARG E 121 -21.98 -2.42 12.30
N TYR E 122 -23.22 -2.14 12.67
CA TYR E 122 -24.28 -2.06 11.69
C TYR E 122 -23.94 -0.97 10.76
N TYR E 123 -23.66 0.21 11.29
CA TYR E 123 -23.40 1.34 10.39
C TYR E 123 -22.23 1.04 9.47
N ALA E 124 -21.17 0.43 10.00
CA ALA E 124 -20.01 0.14 9.17
C ALA E 124 -20.33 -0.85 8.06
N VAL E 125 -21.26 -1.76 8.30
CA VAL E 125 -21.58 -2.79 7.30
C VAL E 125 -22.65 -2.30 6.32
N CYS E 126 -23.74 -1.73 6.82
CA CYS E 126 -24.87 -1.38 5.96
C CYS E 126 -24.82 0.04 5.41
N ASP E 127 -23.89 0.88 5.87
CA ASP E 127 -23.68 2.22 5.31
C ASP E 127 -22.17 2.42 5.12
N PRO E 128 -21.59 1.73 4.14
CA PRO E 128 -20.11 1.77 4.02
C PRO E 128 -19.58 3.10 3.55
N LEU E 129 -20.23 3.74 2.58
CA LEU E 129 -19.69 4.98 2.01
C LEU E 129 -19.71 6.14 3.01
N ARG E 130 -20.77 6.23 3.82
CA ARG E 130 -20.88 7.30 4.80
C ARG E 130 -20.59 6.82 6.21
N TYR E 131 -19.78 5.78 6.35
CA TYR E 131 -19.46 5.27 7.68
C TYR E 131 -18.68 6.29 8.49
N LYS E 132 -17.72 6.98 7.86
CA LYS E 132 -16.94 7.99 8.57
C LYS E 132 -17.80 9.20 8.93
N ALA E 133 -18.72 9.59 8.04
CA ALA E 133 -19.52 10.77 8.29
C ALA E 133 -20.59 10.52 9.36
N LYS E 134 -21.25 9.37 9.29
CA LYS E 134 -22.34 9.06 10.22
C LYS E 134 -21.87 8.48 11.54
N MET E 135 -20.61 8.04 11.62
CA MET E 135 -20.04 7.51 12.87
C MET E 135 -18.69 8.19 13.09
N ASN E 136 -18.73 9.36 13.71
CA ASN E 136 -17.54 10.16 13.98
C ASN E 136 -17.30 10.25 15.49
N ILE E 137 -16.19 10.88 15.85
CA ILE E 137 -15.78 10.93 17.25
C ILE E 137 -16.81 11.65 18.10
N LEU E 138 -17.55 12.60 17.52
CA LEU E 138 -18.57 13.32 18.28
C LEU E 138 -19.69 12.38 18.72
N VAL E 139 -20.26 11.63 17.77
CA VAL E 139 -21.34 10.72 18.12
C VAL E 139 -20.83 9.58 18.98
N ILE E 140 -19.58 9.15 18.79
CA ILE E 140 -19.00 8.09 19.61
C ILE E 140 -18.87 8.56 21.04
N CYS E 141 -18.40 9.80 21.26
CA CYS E 141 -18.31 10.34 22.61
C CYS E 141 -19.68 10.55 23.23
N VAL E 142 -20.67 10.93 22.41
CA VAL E 142 -22.04 11.03 22.92
C VAL E 142 -22.53 9.66 23.39
N MET E 143 -22.25 8.60 22.62
CA MET E 143 -22.62 7.25 23.02
C MET E 143 -21.93 6.84 24.30
N ILE E 144 -20.64 7.16 24.43
CA ILE E 144 -19.90 6.82 25.63
C ILE E 144 -20.48 7.53 26.84
N PHE E 145 -20.80 8.82 26.69
CA PHE E 145 -21.41 9.57 27.78
C PHE E 145 -22.76 8.98 28.15
N ILE E 146 -23.56 8.58 27.17
CA ILE E 146 -24.87 7.99 27.46
C ILE E 146 -24.70 6.71 28.25
N SER E 147 -23.82 5.82 27.78
CA SER E 147 -23.62 4.52 28.43
C SER E 147 -22.96 4.66 29.80
N TRP E 148 -22.29 5.78 30.06
CA TRP E 148 -21.72 6.00 31.39
C TRP E 148 -22.68 6.71 32.34
N SER E 149 -23.60 7.53 31.82
CA SER E 149 -24.45 8.37 32.64
C SER E 149 -25.82 7.78 32.90
N VAL E 150 -26.55 7.39 31.84
CA VAL E 150 -27.93 6.93 32.04
C VAL E 150 -28.00 5.72 32.96
N PRO E 151 -27.19 4.67 32.79
CA PRO E 151 -27.17 3.61 33.83
C PRO E 151 -26.80 4.14 35.20
N ALA E 152 -25.90 5.11 35.31
CA ALA E 152 -25.56 5.56 36.65
C ALA E 152 -26.70 6.29 37.27
N VAL E 153 -27.28 7.22 36.53
CA VAL E 153 -28.43 7.95 37.09
C VAL E 153 -29.50 6.96 37.52
N PHE E 154 -29.87 6.03 36.63
CA PHE E 154 -30.93 5.08 36.95
C PHE E 154 -30.59 4.26 38.20
N ALA E 155 -29.40 3.67 38.23
CA ALA E 155 -29.03 2.80 39.33
C ALA E 155 -28.96 3.56 40.64
N PHE E 156 -28.25 4.69 40.66
CA PHE E 156 -28.07 5.42 41.91
C PHE E 156 -29.39 5.99 42.41
N GLY E 157 -30.24 6.48 41.50
CA GLY E 157 -31.57 6.92 41.92
C GLY E 157 -32.36 5.78 42.55
N MET E 158 -32.49 4.68 41.81
CA MET E 158 -33.30 3.54 42.29
C MET E 158 -32.74 2.91 43.55
N ILE E 159 -31.46 3.08 43.83
CA ILE E 159 -30.88 2.50 45.05
C ILE E 159 -31.00 3.45 46.23
N PHE E 160 -30.73 4.75 46.05
CA PHE E 160 -30.70 5.68 47.17
C PHE E 160 -31.99 6.49 47.29
N LEU E 161 -32.38 7.21 46.25
CA LEU E 161 -33.47 8.18 46.38
C LEU E 161 -34.82 7.49 46.29
N GLU E 162 -35.11 6.89 45.14
CA GLU E 162 -36.31 6.08 44.99
C GLU E 162 -36.09 4.72 45.63
N LEU E 163 -37.14 4.20 46.28
CA LEU E 163 -37.08 2.90 46.91
C LEU E 163 -37.53 1.85 45.91
N ASN E 164 -36.60 0.97 45.50
CA ASN E 164 -36.97 -0.13 44.61
C ASN E 164 -37.99 -1.05 45.26
N PHE E 165 -38.04 -1.07 46.59
CA PHE E 165 -38.99 -1.87 47.35
C PHE E 165 -40.16 -0.95 47.71
N LYS E 166 -41.26 -1.08 46.97
CA LYS E 166 -42.43 -0.24 47.18
C LYS E 166 -43.56 -1.11 47.71
N GLY E 167 -43.95 -0.87 48.97
CA GLY E 167 -44.97 -1.65 49.61
C GLY E 167 -44.53 -3.00 50.15
N ALA E 168 -43.30 -3.38 49.79
CA ALA E 168 -42.78 -4.66 50.20
C ALA E 168 -41.65 -4.38 51.15
N GLU E 169 -41.83 -3.38 52.01
CA GLU E 169 -40.80 -3.09 52.99
C GLU E 169 -40.69 -4.29 53.89
N GLU E 170 -41.82 -4.88 54.23
CA GLU E 170 -41.80 -6.07 55.05
C GLU E 170 -41.10 -7.20 54.34
N ILE E 171 -41.37 -7.36 53.06
CA ILE E 171 -40.76 -8.44 52.32
C ILE E 171 -39.30 -8.15 52.15
N TYR E 172 -38.97 -6.87 52.03
CA TYR E 172 -37.58 -6.50 51.77
C TYR E 172 -36.70 -6.87 52.97
N TYR E 173 -37.15 -6.54 54.18
CA TYR E 173 -36.37 -6.86 55.37
C TYR E 173 -36.22 -8.36 55.56
N LYS E 174 -37.29 -9.13 55.35
CA LYS E 174 -37.19 -10.58 55.48
C LYS E 174 -36.23 -11.16 54.45
N HIS E 175 -36.28 -10.66 53.22
CA HIS E 175 -35.38 -11.15 52.19
C HIS E 175 -33.93 -10.83 52.52
N VAL E 176 -33.67 -9.62 53.02
CA VAL E 176 -32.30 -9.24 53.38
C VAL E 176 -31.81 -10.10 54.53
N HIS E 177 -32.65 -10.30 55.54
CA HIS E 177 -32.24 -11.10 56.70
C HIS E 177 -32.02 -12.56 56.31
N CYS E 178 -32.73 -13.03 55.29
CA CYS E 178 -32.59 -14.42 54.87
C CYS E 178 -31.36 -14.60 54.00
N ARG E 179 -30.88 -13.52 53.40
CA ARG E 179 -29.72 -13.61 52.53
C ARG E 179 -28.44 -13.76 53.33
N GLY E 180 -28.29 -12.96 54.37
CA GLY E 180 -27.06 -12.97 55.13
C GLY E 180 -26.30 -11.75 54.67
N GLY E 181 -26.03 -11.67 53.37
CA GLY E 181 -25.38 -10.49 52.82
C GLY E 181 -26.47 -9.61 52.24
N CYS E 182 -26.29 -9.18 51.00
CA CYS E 182 -27.27 -8.32 50.35
C CYS E 182 -27.48 -8.65 48.87
N SER E 183 -28.43 -9.53 48.58
CA SER E 183 -28.73 -9.82 47.19
C SER E 183 -29.65 -8.73 46.66
N VAL E 184 -29.48 -8.37 45.40
CA VAL E 184 -30.28 -7.30 44.81
C VAL E 184 -31.78 -7.55 44.91
N PHE E 185 -32.49 -6.69 45.63
CA PHE E 185 -33.93 -6.85 45.78
C PHE E 185 -34.66 -6.04 44.72
N PHE E 186 -35.71 -6.60 44.13
CA PHE E 186 -36.51 -5.91 43.14
C PHE E 186 -37.98 -6.22 43.34
N SER E 187 -38.82 -5.19 43.27
CA SER E 187 -40.26 -5.39 43.24
C SER E 187 -40.69 -5.73 41.82
N LYS E 188 -41.99 -5.96 41.63
CA LYS E 188 -42.49 -6.31 40.30
C LYS E 188 -42.25 -5.17 39.32
N ILE E 189 -42.70 -3.96 39.66
CA ILE E 189 -42.49 -2.82 38.78
C ILE E 189 -41.00 -2.51 38.66
N SER E 190 -40.29 -2.51 39.79
CA SER E 190 -38.86 -2.24 39.76
C SER E 190 -38.12 -3.31 38.97
N GLY E 191 -38.50 -4.58 39.15
CA GLY E 191 -37.86 -5.66 38.41
C GLY E 191 -38.06 -5.53 36.91
N VAL E 192 -39.30 -5.26 36.49
CA VAL E 192 -39.57 -5.10 35.07
C VAL E 192 -38.83 -3.90 34.50
N LEU E 193 -38.82 -2.79 35.23
CA LEU E 193 -38.10 -1.60 34.75
C LEU E 193 -36.61 -1.85 34.61
N THR E 194 -36.01 -2.51 35.62
CA THR E 194 -34.59 -2.83 35.53
C THR E 194 -34.30 -3.77 34.38
N PHE E 195 -35.14 -4.78 34.19
CA PHE E 195 -34.97 -5.71 33.07
C PHE E 195 -34.99 -4.97 31.74
N MET E 196 -36.03 -4.15 31.51
CA MET E 196 -36.15 -3.44 30.25
C MET E 196 -35.01 -2.46 30.05
N THR E 197 -34.61 -1.76 31.10
CA THR E 197 -33.59 -0.72 30.96
C THR E 197 -32.21 -1.33 30.71
N SER E 198 -31.88 -2.43 31.37
CA SER E 198 -30.52 -2.96 31.32
C SER E 198 -30.34 -4.04 30.26
N PHE E 199 -31.21 -5.05 30.21
CA PHE E 199 -30.96 -6.23 29.40
C PHE E 199 -31.74 -6.26 28.10
N TYR E 200 -33.07 -6.09 28.17
CA TYR E 200 -33.90 -6.37 27.00
C TYR E 200 -33.63 -5.39 25.86
N ILE E 201 -33.66 -4.09 26.14
CA ILE E 201 -33.50 -3.10 25.08
C ILE E 201 -32.14 -3.20 24.40
N PRO E 202 -31.00 -3.13 25.11
CA PRO E 202 -29.71 -3.37 24.43
C PRO E 202 -29.63 -4.77 23.84
N GLY E 203 -30.19 -5.77 24.52
CA GLY E 203 -30.15 -7.12 23.98
C GLY E 203 -30.94 -7.25 22.69
N SER E 204 -32.14 -6.68 22.65
CA SER E 204 -32.93 -6.74 21.42
C SER E 204 -32.25 -5.97 20.29
N ILE E 205 -31.66 -4.82 20.62
CA ILE E 205 -30.96 -4.04 19.60
C ILE E 205 -29.79 -4.84 19.03
N MET E 206 -29.01 -5.47 19.91
CA MET E 206 -27.89 -6.30 19.46
C MET E 206 -28.37 -7.45 18.61
N LEU E 207 -29.44 -8.11 19.02
CA LEU E 207 -29.96 -9.26 18.27
C LEU E 207 -30.40 -8.85 16.88
N CYS E 208 -31.16 -7.76 16.77
CA CYS E 208 -31.62 -7.32 15.46
C CYS E 208 -30.44 -6.91 14.57
N VAL E 209 -29.49 -6.17 15.11
CA VAL E 209 -28.38 -5.72 14.30
C VAL E 209 -27.40 -6.81 13.94
N TYR E 210 -27.29 -7.87 14.71
CA TYR E 210 -26.44 -8.99 14.30
C TYR E 210 -27.17 -9.94 13.38
N TYR E 211 -28.50 -10.07 13.50
CA TYR E 211 -29.24 -10.84 12.52
C TYR E 211 -29.18 -10.20 11.14
N ARG E 212 -29.33 -8.87 11.09
CA ARG E 212 -29.23 -8.18 9.82
C ARG E 212 -27.84 -8.37 9.22
N ILE E 213 -26.81 -8.18 10.03
CA ILE E 213 -25.44 -8.34 9.55
C ILE E 213 -25.20 -9.77 9.08
N TYR E 214 -25.80 -10.73 9.76
CA TYR E 214 -25.69 -12.12 9.35
C TYR E 214 -26.26 -12.27 7.95
N LEU E 215 -27.48 -11.77 7.76
CA LEU E 215 -28.13 -11.89 6.46
C LEU E 215 -27.25 -11.29 5.36
N ILE E 216 -26.71 -10.10 5.61
CA ILE E 216 -25.91 -9.42 4.59
C ILE E 216 -24.64 -10.21 4.29
N ALA E 217 -23.94 -10.66 5.33
CA ALA E 217 -22.68 -11.37 5.13
C ALA E 217 -22.90 -12.72 4.45
N LYS E 218 -23.96 -13.44 4.84
CA LYS E 218 -24.28 -14.71 4.19
C LYS E 218 -24.62 -14.49 2.72
N GLU E 219 -25.38 -13.44 2.41
CA GLU E 219 -25.70 -13.17 1.02
C GLU E 219 -24.43 -12.85 0.22
N GLN E 220 -23.53 -12.07 0.80
CA GLN E 220 -22.28 -11.74 0.10
C GLN E 220 -21.44 -12.99 -0.15
N ALA E 221 -21.31 -13.85 0.87
CA ALA E 221 -20.54 -15.07 0.70
C ALA E 221 -21.17 -15.98 -0.35
N ARG E 222 -22.50 -16.09 -0.32
CA ARG E 222 -23.20 -16.91 -1.32
C ARG E 222 -22.98 -16.37 -2.72
N LEU E 223 -23.05 -15.03 -2.89
CA LEU E 223 -22.82 -14.45 -4.20
C LEU E 223 -21.40 -14.72 -4.68
N ILE E 224 -20.42 -14.59 -3.79
CA ILE E 224 -19.03 -14.81 -4.17
C ILE E 224 -18.82 -16.25 -4.62
N SER E 225 -19.30 -17.20 -3.80
CA SER E 225 -19.12 -18.62 -4.14
C SER E 225 -19.89 -18.97 -5.41
N ASP E 226 -21.09 -18.42 -5.58
CA ASP E 226 -21.89 -18.72 -6.76
C ASP E 226 -21.21 -18.19 -8.02
N ALA E 227 -20.65 -16.99 -7.97
CA ALA E 227 -19.91 -16.49 -9.13
C ALA E 227 -18.70 -17.36 -9.44
N ASN E 228 -17.96 -17.75 -8.40
CA ASN E 228 -16.78 -18.60 -8.62
C ASN E 228 -17.16 -19.93 -9.24
N GLN E 229 -18.24 -20.54 -8.77
CA GLN E 229 -18.66 -21.83 -9.32
C GLN E 229 -19.26 -21.68 -10.71
N LYS E 230 -19.96 -20.58 -10.94
CA LYS E 230 -20.57 -20.32 -12.24
C LYS E 230 -19.51 -20.18 -13.31
N LEU E 231 -18.44 -19.45 -13.00
CA LEU E 231 -17.35 -19.32 -13.95
C LEU E 231 -16.67 -20.68 -14.14
N GLN E 232 -16.44 -21.04 -15.39
CA GLN E 232 -15.91 -22.35 -15.81
C GLN E 232 -16.47 -23.50 -14.98
N GLU E 246 -17.05 -20.71 4.26
CA GLU E 246 -16.27 -20.96 5.46
C GLU E 246 -17.10 -20.65 6.71
N ARG E 247 -18.22 -19.95 6.50
CA ARG E 247 -19.14 -19.59 7.58
C ARG E 247 -18.44 -18.75 8.65
N LYS E 248 -17.56 -17.85 8.21
CA LYS E 248 -16.87 -16.97 9.15
C LYS E 248 -17.85 -16.04 9.86
N ALA E 249 -18.82 -15.50 9.11
CA ALA E 249 -19.84 -14.66 9.74
C ALA E 249 -20.65 -15.47 10.74
N VAL E 250 -21.01 -16.70 10.39
CA VAL E 250 -21.74 -17.57 11.31
C VAL E 250 -20.96 -17.75 12.58
N LYS E 251 -19.67 -18.06 12.46
CA LYS E 251 -18.83 -18.28 13.65
C LYS E 251 -18.74 -17.03 14.50
N THR E 252 -18.46 -15.88 13.87
CA THR E 252 -18.26 -14.64 14.63
C THR E 252 -19.53 -14.23 15.36
N LEU E 253 -20.65 -14.15 14.64
CA LEU E 253 -21.88 -13.73 15.27
C LEU E 253 -22.38 -14.75 16.26
N GLY E 254 -22.13 -16.05 16.01
CA GLY E 254 -22.47 -17.05 16.99
C GLY E 254 -21.71 -16.86 18.29
N ILE E 255 -20.40 -16.64 18.19
CA ILE E 255 -19.61 -16.40 19.41
C ILE E 255 -20.15 -15.20 20.17
N VAL E 256 -20.35 -14.07 19.48
CA VAL E 256 -20.78 -12.85 20.14
C VAL E 256 -22.13 -13.06 20.82
N MET E 257 -23.14 -13.43 20.03
CA MET E 257 -24.50 -13.55 20.55
C MET E 257 -24.60 -14.65 21.60
N GLY E 258 -23.92 -15.78 21.39
CA GLY E 258 -23.97 -16.85 22.37
C GLY E 258 -23.36 -16.46 23.70
N VAL E 259 -22.20 -15.79 23.67
CA VAL E 259 -21.60 -15.35 24.91
C VAL E 259 -22.54 -14.39 25.64
N PHE E 260 -23.04 -13.36 24.99
CA PHE E 260 -23.95 -12.41 25.63
C PHE E 260 -25.19 -13.08 26.16
N LEU E 261 -25.87 -13.84 25.33
CA LEU E 261 -27.10 -14.45 25.76
C LEU E 261 -26.88 -15.45 26.89
N ILE E 262 -25.83 -16.24 26.83
CA ILE E 262 -25.55 -17.17 27.93
C ILE E 262 -25.22 -16.49 29.21
N CYS E 263 -24.38 -15.47 29.18
CA CYS E 263 -23.96 -14.85 30.43
C CYS E 263 -25.03 -14.01 31.09
N TRP E 264 -25.79 -13.28 30.31
CA TRP E 264 -26.81 -12.43 30.87
C TRP E 264 -28.24 -12.91 30.86
N CYS E 265 -28.65 -13.71 29.89
CA CYS E 265 -30.07 -14.09 29.83
C CYS E 265 -30.56 -14.92 31.01
N PRO E 266 -29.76 -15.88 31.48
CA PRO E 266 -30.23 -16.58 32.67
C PRO E 266 -30.38 -15.65 33.86
N PHE E 267 -29.42 -14.77 34.08
CA PHE E 267 -29.49 -13.91 35.22
C PHE E 267 -30.67 -12.99 35.15
N PHE E 268 -30.93 -12.41 34.00
CA PHE E 268 -31.99 -11.43 33.95
C PHE E 268 -33.39 -11.98 33.96
N ILE E 269 -33.59 -13.17 33.41
CA ILE E 269 -34.90 -13.81 33.46
C ILE E 269 -35.25 -14.20 34.89
N CYS E 270 -34.30 -14.81 35.58
CA CYS E 270 -34.53 -15.19 36.95
C CYS E 270 -34.79 -13.95 37.79
N THR E 271 -34.08 -12.85 37.53
CA THR E 271 -34.22 -11.64 38.32
C THR E 271 -35.58 -11.00 38.12
N VAL E 272 -36.04 -10.91 36.86
CA VAL E 272 -37.35 -10.31 36.61
C VAL E 272 -38.47 -11.21 37.11
N MET E 273 -38.26 -12.54 37.09
CA MET E 273 -39.26 -13.45 37.64
C MET E 273 -39.15 -13.57 39.16
N ASP E 274 -38.10 -13.04 39.76
CA ASP E 274 -37.95 -13.11 41.22
C ASP E 274 -39.07 -12.41 41.98
N PRO E 275 -39.51 -11.20 41.64
CA PRO E 275 -40.63 -10.60 42.39
C PRO E 275 -41.89 -11.45 42.34
N PHE E 276 -42.16 -12.12 41.23
CA PHE E 276 -43.25 -13.07 41.18
C PHE E 276 -42.82 -14.40 41.80
N LEU E 277 -43.77 -15.31 41.94
CA LEU E 277 -43.56 -16.62 42.55
C LEU E 277 -43.17 -16.50 44.03
N HIS E 278 -43.39 -15.33 44.62
CA HIS E 278 -43.13 -15.09 46.04
C HIS E 278 -41.69 -15.39 46.42
N TYR E 279 -40.76 -15.06 45.52
CA TYR E 279 -39.32 -15.17 45.78
C TYR E 279 -38.93 -16.58 46.21
N ILE E 280 -39.31 -17.55 45.38
CA ILE E 280 -39.07 -18.94 45.74
C ILE E 280 -37.77 -19.38 45.11
N ILE E 281 -37.15 -18.48 44.34
CA ILE E 281 -35.95 -18.87 43.65
C ILE E 281 -34.90 -19.21 44.69
N PRO E 282 -34.22 -20.35 44.52
CA PRO E 282 -33.23 -20.74 45.51
C PRO E 282 -32.13 -19.73 45.54
N PRO E 283 -31.60 -19.44 46.74
CA PRO E 283 -30.54 -18.45 46.86
C PRO E 283 -29.32 -18.86 46.10
N THR E 284 -29.01 -20.14 46.09
CA THR E 284 -27.79 -20.59 45.45
C THR E 284 -27.80 -20.27 43.96
N LEU E 285 -28.97 -20.35 43.35
CA LEU E 285 -29.07 -20.09 41.94
C LEU E 285 -28.65 -18.66 41.68
N ASN E 286 -29.15 -17.74 42.48
CA ASN E 286 -28.87 -16.34 42.24
C ASN E 286 -27.39 -16.10 42.34
N ASP E 287 -26.74 -16.70 43.31
CA ASP E 287 -25.31 -16.54 43.46
C ASP E 287 -24.57 -17.08 42.26
N VAL E 288 -24.96 -18.23 41.74
CA VAL E 288 -24.33 -18.71 40.51
C VAL E 288 -24.64 -17.83 39.29
N LEU E 289 -25.88 -17.36 39.19
CA LEU E 289 -26.27 -16.53 38.07
C LEU E 289 -25.56 -15.18 37.99
N ILE E 290 -25.34 -14.52 39.11
CA ILE E 290 -24.64 -13.23 39.11
C ILE E 290 -23.22 -13.42 38.60
N TRP E 291 -22.62 -14.53 38.92
CA TRP E 291 -21.24 -14.80 38.53
C TRP E 291 -21.11 -15.08 37.04
N PHE E 292 -22.16 -15.63 36.42
CA PHE E 292 -22.18 -15.71 34.96
C PHE E 292 -22.21 -14.31 34.35
N GLY E 293 -22.99 -13.41 34.94
CA GLY E 293 -22.99 -12.04 34.49
C GLY E 293 -21.61 -11.39 34.57
N TYR E 294 -20.85 -11.73 35.59
CA TYR E 294 -19.51 -11.19 35.73
C TYR E 294 -18.59 -11.86 34.75
N LEU E 295 -18.79 -13.15 34.48
CA LEU E 295 -17.99 -13.81 33.45
C LEU E 295 -18.23 -13.19 32.09
N ASN E 296 -19.31 -12.45 31.87
CA ASN E 296 -19.48 -11.76 30.58
C ASN E 296 -18.55 -10.62 30.53
N SER E 297 -18.39 -9.91 31.63
CA SER E 297 -17.40 -8.84 31.63
C SER E 297 -15.99 -9.40 31.50
N THR E 298 -15.80 -10.63 31.98
CA THR E 298 -14.53 -11.32 31.74
C THR E 298 -14.32 -11.58 30.25
N PHE E 299 -15.34 -12.11 29.57
CA PHE E 299 -15.16 -12.57 28.20
C PHE E 299 -15.21 -11.44 27.19
N ASN E 300 -15.82 -10.31 27.55
CA ASN E 300 -16.00 -9.21 26.60
C ASN E 300 -14.71 -8.70 25.98
N PRO E 301 -13.64 -8.40 26.74
CA PRO E 301 -12.40 -7.99 26.08
C PRO E 301 -11.87 -9.03 25.12
N MET E 302 -11.95 -10.31 25.48
CA MET E 302 -11.51 -11.38 24.60
C MET E 302 -12.23 -11.29 23.26
N VAL E 303 -13.56 -11.42 23.29
CA VAL E 303 -14.36 -11.47 22.07
C VAL E 303 -14.17 -10.21 21.24
N TYR E 304 -14.16 -9.04 21.89
CA TYR E 304 -14.20 -7.79 21.14
C TYR E 304 -12.82 -7.24 20.77
N ALA E 305 -11.73 -7.82 21.29
CA ALA E 305 -10.41 -7.39 20.87
C ALA E 305 -9.59 -8.50 20.24
N PHE E 306 -9.41 -9.62 20.94
CA PHE E 306 -8.45 -10.63 20.50
C PHE E 306 -8.95 -11.44 19.32
N PHE E 307 -10.26 -11.50 19.11
CA PHE E 307 -10.81 -12.28 18.01
C PHE E 307 -10.45 -11.67 16.65
N TYR E 308 -10.11 -10.38 16.63
CA TYR E 308 -9.84 -9.70 15.37
C TYR E 308 -8.33 -9.60 15.12
N PRO E 309 -7.89 -9.72 13.84
CA PRO E 309 -6.43 -9.75 13.70
C PRO E 309 -5.72 -8.44 13.96
N TRP E 310 -6.29 -7.31 13.61
CA TRP E 310 -5.54 -6.07 13.78
C TRP E 310 -5.05 -5.91 15.22
N PHE E 311 -5.90 -6.25 16.19
CA PHE E 311 -5.49 -6.19 17.59
C PHE E 311 -4.37 -7.20 17.87
N ARG E 312 -4.46 -8.36 17.26
CA ARG E 312 -3.39 -9.32 17.45
C ARG E 312 -2.08 -8.77 16.90
N LYS E 313 -2.10 -8.17 15.71
CA LYS E 313 -0.88 -7.61 15.13
C LYS E 313 -0.33 -6.50 16.00
N ALA E 314 -1.20 -5.66 16.56
CA ALA E 314 -0.75 -4.59 17.45
C ALA E 314 -0.11 -5.18 18.71
N LEU E 315 -0.71 -6.23 19.28
CA LEU E 315 -0.14 -6.87 20.45
C LEU E 315 1.21 -7.49 20.13
N LYS E 316 1.38 -7.96 18.91
CA LYS E 316 2.70 -8.46 18.54
C LYS E 316 3.73 -7.33 18.65
#